data_4P83
#
_entry.id   4P83
#
_cell.length_a   77.150
_cell.length_b   77.150
_cell.length_c   286.770
_cell.angle_alpha   90.00
_cell.angle_beta   90.00
_cell.angle_gamma   90.00
#
_symmetry.space_group_name_H-M   'P 43 21 2'
#
loop_
_entity.id
_entity.type
_entity.pdbx_description
1 polymer 'Engineered PyrR protein (Purple)'
2 non-polymer "URIDINE-5'-MONOPHOSPHATE"
3 water water
#
_entity_poly.entity_id   1
_entity_poly.type   'polypeptide(L)'
_entity_poly.pdbx_seq_one_letter_code
;GSNQKAVIMDEQAIRRALTRIAHEIIERNKGIDGCVLVGIKTRGIYLARRLAERIEQIEGAPVPVGEIDITLYRDDLSVK
TDDDEPLVKGTNVPFPVTERNVILVDDVLFTGRTVRAGMDAVMDLGRPARIQLAVLVDRGHRELPIRADFVGKNVPTSRS
ELIVVELDEVDQNDQVSIHENK
;
_entity_poly.pdbx_strand_id   A,B,C,D
#
# COMPACT_ATOMS: atom_id res chain seq x y z
N LYS A 5 -25.39 -9.62 -8.20
CA LYS A 5 -25.04 -11.02 -8.55
C LYS A 5 -24.24 -10.99 -9.87
N ALA A 6 -22.92 -11.06 -9.78
CA ALA A 6 -22.05 -10.97 -10.94
C ALA A 6 -20.90 -11.95 -10.83
N VAL A 7 -20.37 -12.39 -11.96
CA VAL A 7 -19.16 -13.17 -11.97
C VAL A 7 -17.98 -12.22 -11.95
N ILE A 8 -17.08 -12.40 -11.01
CA ILE A 8 -15.98 -11.48 -10.79
C ILE A 8 -14.64 -12.10 -11.23
N MET A 9 -14.51 -13.42 -11.16
CA MET A 9 -13.36 -14.13 -11.72
C MET A 9 -13.81 -15.41 -12.40
N ASP A 10 -13.24 -15.73 -13.55
CA ASP A 10 -13.63 -16.96 -14.25
C ASP A 10 -12.53 -17.96 -14.10
N GLU A 11 -12.67 -19.11 -14.73
CA GLU A 11 -11.72 -20.19 -14.55
C GLU A 11 -10.31 -19.79 -14.90
N GLN A 12 -10.18 -19.03 -15.97
CA GLN A 12 -8.89 -18.58 -16.46
C GLN A 12 -8.28 -17.54 -15.54
N ALA A 13 -9.08 -16.64 -14.99
CA ALA A 13 -8.58 -15.63 -14.04
C ALA A 13 -8.12 -16.27 -12.72
N ILE A 14 -8.81 -17.30 -12.27
CA ILE A 14 -8.40 -18.04 -11.14
C ILE A 14 -7.11 -18.78 -11.39
N ARG A 15 -6.96 -19.38 -12.56
CA ARG A 15 -5.76 -20.14 -12.87
C ARG A 15 -4.55 -19.24 -12.85
N ARG A 16 -4.71 -18.06 -13.42
CA ARG A 16 -3.63 -17.12 -13.53
C ARG A 16 -3.24 -16.54 -12.19
N ALA A 17 -4.22 -16.30 -11.34
CA ALA A 17 -3.96 -15.75 -10.03
C ALA A 17 -3.19 -16.74 -9.18
N LEU A 18 -3.58 -18.02 -9.23
CA LEU A 18 -2.87 -19.05 -8.49
C LEU A 18 -1.47 -19.24 -8.97
N THR A 19 -1.26 -19.13 -10.27
CA THR A 19 0.03 -19.30 -10.83
C THR A 19 0.92 -18.18 -10.37
N ARG A 20 0.37 -16.98 -10.33
CA ARG A 20 1.14 -15.83 -9.90
C ARG A 20 1.47 -15.86 -8.41
N ILE A 21 0.53 -16.28 -7.60
CA ILE A 21 0.75 -16.40 -6.16
C ILE A 21 1.85 -17.41 -5.89
N ALA A 22 1.87 -18.50 -6.64
CA ALA A 22 2.91 -19.49 -6.50
C ALA A 22 4.27 -18.92 -6.76
N HIS A 23 4.41 -18.11 -7.80
CA HIS A 23 5.68 -17.46 -8.08
C HIS A 23 6.02 -16.45 -7.01
N GLU A 24 5.02 -15.75 -6.47
CA GLU A 24 5.27 -14.81 -5.38
C GLU A 24 5.74 -15.55 -4.11
N ILE A 25 5.23 -16.74 -3.84
CA ILE A 25 5.65 -17.52 -2.66
C ILE A 25 7.07 -17.94 -2.78
N ILE A 26 7.47 -18.39 -3.95
CA ILE A 26 8.85 -18.82 -4.15
C ILE A 26 9.79 -17.65 -4.07
N GLU A 27 9.41 -16.52 -4.64
CA GLU A 27 10.25 -15.32 -4.62
C GLU A 27 10.48 -14.75 -3.25
N ARG A 28 9.41 -14.68 -2.47
N ARG A 28 9.42 -14.66 -2.46
CA ARG A 28 9.43 -14.05 -1.17
CA ARG A 28 9.48 -14.04 -1.15
C ARG A 28 10.24 -14.89 -0.21
C ARG A 28 10.28 -14.89 -0.21
N ASN A 29 10.24 -16.19 -0.41
CA ASN A 29 10.94 -17.06 0.46
C ASN A 29 12.25 -17.55 -0.12
N LYS A 30 12.63 -17.07 -1.30
CA LYS A 30 13.87 -17.45 -1.92
C LYS A 30 14.01 -18.96 -2.14
N GLY A 31 12.97 -19.56 -2.67
CA GLY A 31 12.89 -20.99 -2.85
C GLY A 31 11.86 -21.50 -1.87
N ILE A 32 11.63 -22.80 -1.84
CA ILE A 32 10.62 -23.37 -0.93
C ILE A 32 11.19 -24.06 0.31
N ASP A 33 12.48 -23.89 0.59
CA ASP A 33 13.05 -24.56 1.74
C ASP A 33 12.32 -24.24 3.06
N GLY A 34 11.83 -25.25 3.73
CA GLY A 34 11.19 -25.05 5.02
C GLY A 34 9.78 -24.53 4.94
N CYS A 35 9.16 -24.58 3.76
CA CYS A 35 7.84 -24.05 3.57
C CYS A 35 6.80 -25.13 3.53
N VAL A 36 5.69 -24.89 4.21
CA VAL A 36 4.60 -25.81 4.19
C VAL A 36 3.33 -25.05 3.97
N LEU A 37 2.32 -25.71 3.43
CA LEU A 37 1.07 -25.05 3.15
C LEU A 37 0.01 -25.66 4.03
N VAL A 38 -0.79 -24.85 4.70
CA VAL A 38 -1.87 -25.35 5.49
C VAL A 38 -3.14 -24.71 5.07
N GLY A 39 -4.02 -25.48 4.49
CA GLY A 39 -5.30 -24.96 3.99
C GLY A 39 -6.36 -24.92 5.06
N ILE A 40 -7.28 -23.99 4.96
CA ILE A 40 -8.34 -23.84 5.92
C ILE A 40 -9.64 -24.28 5.32
N LYS A 41 -10.33 -25.19 5.99
CA LYS A 41 -11.70 -25.57 5.67
C LYS A 41 -11.62 -26.20 4.34
N THR A 42 -12.76 -26.50 3.71
CA THR A 42 -12.74 -27.32 2.50
C THR A 42 -12.11 -26.62 1.33
N ARG A 43 -12.52 -25.38 1.09
CA ARG A 43 -12.03 -24.69 -0.12
C ARG A 43 -10.59 -24.23 -0.03
N GLY A 44 -10.18 -23.85 1.18
CA GLY A 44 -8.80 -23.52 1.43
C GLY A 44 -7.87 -24.68 1.24
N ILE A 45 -8.32 -25.88 1.56
CA ILE A 45 -7.52 -27.06 1.32
C ILE A 45 -7.32 -27.33 -0.14
N TYR A 46 -8.35 -27.14 -0.94
CA TYR A 46 -8.24 -27.34 -2.38
C TYR A 46 -7.31 -26.35 -3.02
N LEU A 47 -7.32 -25.10 -2.58
CA LEU A 47 -6.40 -24.13 -3.12
C LEU A 47 -4.97 -24.42 -2.72
N ALA A 48 -4.77 -24.89 -1.49
CA ALA A 48 -3.42 -25.18 -1.05
C ALA A 48 -2.81 -26.33 -1.82
N ARG A 49 -3.62 -27.31 -2.17
CA ARG A 49 -3.16 -28.41 -3.03
C ARG A 49 -2.81 -27.93 -4.41
N ARG A 50 -3.60 -27.02 -4.95
CA ARG A 50 -3.29 -26.46 -6.24
C ARG A 50 -2.00 -25.66 -6.25
N LEU A 51 -1.81 -24.89 -5.21
CA LEU A 51 -0.61 -24.11 -5.09
C LEU A 51 0.61 -25.00 -4.99
N ALA A 52 0.47 -26.09 -4.24
CA ALA A 52 1.56 -27.02 -4.02
C ALA A 52 1.95 -27.73 -5.32
N GLU A 53 0.95 -28.10 -6.10
CA GLU A 53 1.20 -28.68 -7.37
C GLU A 53 1.89 -27.69 -8.28
N ARG A 54 1.48 -26.43 -8.26
CA ARG A 54 2.10 -25.41 -9.11
C ARG A 54 3.58 -25.15 -8.75
N ILE A 55 3.87 -25.08 -7.45
CA ILE A 55 5.21 -24.84 -6.95
C ILE A 55 6.14 -25.99 -7.24
N GLU A 56 5.65 -27.22 -7.18
CA GLU A 56 6.46 -28.36 -7.55
C GLU A 56 6.85 -28.34 -9.03
N GLN A 57 5.93 -27.94 -9.90
CA GLN A 57 6.21 -27.81 -11.34
C GLN A 57 7.27 -26.80 -11.61
N ILE A 58 7.17 -25.66 -10.92
CA ILE A 58 8.13 -24.58 -11.04
C ILE A 58 9.49 -24.89 -10.44
N GLU A 59 9.55 -25.49 -9.26
CA GLU A 59 10.83 -25.68 -8.59
C GLU A 59 11.34 -27.09 -8.58
N GLY A 60 10.52 -28.04 -8.98
CA GLY A 60 10.94 -29.42 -8.99
C GLY A 60 11.16 -30.02 -7.61
N ALA A 61 10.44 -29.56 -6.59
CA ALA A 61 10.37 -30.27 -5.31
C ALA A 61 8.98 -30.15 -4.69
N PRO A 62 8.54 -31.15 -3.92
CA PRO A 62 7.17 -31.08 -3.42
C PRO A 62 7.04 -30.18 -2.20
N VAL A 63 5.82 -29.76 -1.94
CA VAL A 63 5.55 -28.95 -0.78
C VAL A 63 4.53 -29.69 0.09
N PRO A 64 4.83 -29.86 1.41
CA PRO A 64 3.81 -30.55 2.20
C PRO A 64 2.53 -29.73 2.37
N VAL A 65 1.39 -30.41 2.46
CA VAL A 65 0.12 -29.75 2.66
C VAL A 65 -0.64 -30.32 3.85
N GLY A 66 -1.15 -29.40 4.68
CA GLY A 66 -1.82 -29.72 5.92
C GLY A 66 -3.24 -29.18 5.86
N GLU A 67 -4.10 -29.62 6.79
CA GLU A 67 -5.51 -29.19 6.76
C GLU A 67 -5.96 -28.78 8.14
N ILE A 68 -6.73 -27.71 8.24
CA ILE A 68 -7.25 -27.24 9.51
C ILE A 68 -8.73 -27.18 9.30
N ASP A 69 -9.48 -27.74 10.23
CA ASP A 69 -10.91 -27.82 10.10
C ASP A 69 -11.48 -26.78 11.02
N ILE A 70 -12.26 -25.85 10.48
CA ILE A 70 -12.81 -24.77 11.31
C ILE A 70 -14.29 -24.73 11.17
N THR A 71 -14.96 -24.38 12.25
CA THR A 71 -16.39 -24.47 12.34
C THR A 71 -16.99 -23.31 13.13
N LEU A 72 -18.30 -23.16 13.02
CA LEU A 72 -19.06 -22.14 13.72
C LEU A 72 -20.01 -22.79 14.70
N ASP A 84 -21.11 -16.66 17.54
CA ASP A 84 -20.72 -17.52 16.44
C ASP A 84 -19.23 -17.30 16.15
N GLU A 85 -18.42 -17.77 17.08
CA GLU A 85 -16.97 -17.72 17.00
C GLU A 85 -16.55 -18.84 16.07
N PRO A 86 -15.73 -18.55 15.03
CA PRO A 86 -15.28 -19.77 14.38
C PRO A 86 -14.29 -20.46 15.32
N LEU A 87 -14.38 -21.77 15.41
CA LEU A 87 -13.44 -22.48 16.27
C LEU A 87 -12.89 -23.68 15.54
N VAL A 88 -11.74 -24.15 16.01
CA VAL A 88 -11.02 -25.24 15.37
C VAL A 88 -11.56 -26.63 15.79
N LYS A 89 -12.26 -27.27 14.86
CA LYS A 89 -12.74 -28.63 15.02
C LYS A 89 -11.66 -29.69 14.80
N GLY A 90 -10.74 -29.47 13.86
CA GLY A 90 -9.72 -30.44 13.55
C GLY A 90 -8.43 -29.91 12.92
N THR A 91 -7.36 -30.64 13.15
CA THR A 91 -6.03 -30.27 12.76
C THR A 91 -5.35 -31.53 12.20
N ASN A 92 -5.14 -31.62 10.88
CA ASN A 92 -4.50 -32.78 10.24
C ASN A 92 -3.26 -32.25 9.53
N VAL A 93 -2.24 -31.96 10.30
CA VAL A 93 -1.00 -31.48 9.80
C VAL A 93 0.02 -32.57 10.03
N PRO A 94 0.31 -33.43 9.01
CA PRO A 94 1.19 -34.53 9.40
C PRO A 94 2.69 -34.25 9.21
N PHE A 95 3.17 -33.13 9.72
CA PHE A 95 4.59 -32.83 9.64
C PHE A 95 4.86 -31.85 10.75
N PRO A 96 6.16 -31.63 11.13
CA PRO A 96 6.31 -30.60 12.15
C PRO A 96 6.12 -29.17 11.60
N VAL A 97 5.73 -28.23 12.45
CA VAL A 97 5.72 -26.84 12.05
C VAL A 97 6.82 -25.98 12.66
N THR A 98 7.57 -26.49 13.62
CA THR A 98 8.56 -25.66 14.30
C THR A 98 9.69 -25.29 13.35
N GLU A 99 10.04 -24.03 13.37
CA GLU A 99 11.07 -23.47 12.50
C GLU A 99 10.73 -23.56 11.04
N ARG A 100 9.46 -23.73 10.70
CA ARG A 100 9.07 -23.76 9.33
C ARG A 100 8.37 -22.45 8.97
N ASN A 101 8.26 -22.24 7.68
CA ASN A 101 7.53 -21.14 7.16
C ASN A 101 6.18 -21.67 6.75
N VAL A 102 5.16 -21.35 7.51
CA VAL A 102 3.84 -21.92 7.28
C VAL A 102 2.98 -20.93 6.56
N ILE A 103 2.47 -21.32 5.40
CA ILE A 103 1.58 -20.45 4.65
C ILE A 103 0.15 -20.97 4.78
N LEU A 104 -0.68 -20.23 5.50
CA LEU A 104 -2.06 -20.55 5.58
C LEU A 104 -2.74 -20.19 4.25
N VAL A 105 -3.73 -20.97 3.85
CA VAL A 105 -4.44 -20.71 2.64
C VAL A 105 -5.92 -20.71 2.87
N ASP A 106 -6.63 -19.69 2.40
CA ASP A 106 -8.10 -19.74 2.44
C ASP A 106 -8.66 -19.12 1.15
N ASP A 107 -9.94 -19.33 0.89
CA ASP A 107 -10.58 -18.73 -0.27
C ASP A 107 -10.89 -17.24 -0.16
N VAL A 108 -11.36 -16.75 0.99
CA VAL A 108 -11.73 -15.35 1.13
C VAL A 108 -11.30 -14.78 2.49
N LEU A 109 -10.75 -13.58 2.48
CA LEU A 109 -10.46 -12.87 3.68
C LEU A 109 -11.52 -11.81 3.83
N PHE A 110 -12.25 -11.86 4.94
CA PHE A 110 -13.34 -10.95 5.21
C PHE A 110 -12.98 -10.28 6.53
N THR A 111 -13.64 -10.62 7.64
CA THR A 111 -13.31 -10.01 8.97
C THR A 111 -11.93 -10.43 9.48
N GLY A 112 -11.42 -11.56 9.03
CA GLY A 112 -10.15 -12.05 9.49
C GLY A 112 -10.27 -13.00 10.66
N ARG A 113 -11.48 -13.29 11.11
CA ARG A 113 -11.66 -14.12 12.29
C ARG A 113 -11.40 -15.58 12.06
N THR A 114 -11.71 -16.11 10.90
CA THR A 114 -11.33 -17.45 10.57
C THR A 114 -9.82 -17.66 10.49
N VAL A 115 -9.10 -16.70 9.89
CA VAL A 115 -7.65 -16.80 9.79
C VAL A 115 -6.96 -16.74 11.14
N ARG A 116 -7.49 -15.96 12.06
CA ARG A 116 -6.93 -15.89 13.41
C ARG A 116 -7.09 -17.20 14.17
N ALA A 117 -8.22 -17.90 13.97
CA ALA A 117 -8.39 -19.23 14.55
C ALA A 117 -7.42 -20.22 13.95
N GLY A 118 -7.17 -20.11 12.67
CA GLY A 118 -6.19 -20.97 12.01
C GLY A 118 -4.77 -20.69 12.49
N MET A 119 -4.49 -19.42 12.76
CA MET A 119 -3.20 -19.01 13.28
C MET A 119 -2.97 -19.56 14.70
N ASP A 120 -4.00 -19.56 15.53
CA ASP A 120 -3.93 -20.16 16.85
C ASP A 120 -3.74 -21.65 16.85
N ALA A 121 -4.38 -22.33 15.91
CA ALA A 121 -4.23 -23.72 15.79
C ALA A 121 -2.82 -24.10 15.42
N VAL A 122 -2.20 -23.34 14.50
CA VAL A 122 -0.81 -23.62 14.12
C VAL A 122 0.14 -23.33 15.29
N MET A 123 -0.15 -22.32 16.09
CA MET A 123 0.66 -21.97 17.25
C MET A 123 0.56 -22.97 18.40
N ASP A 124 -0.53 -23.71 18.49
CA ASP A 124 -0.63 -24.81 19.41
C ASP A 124 0.23 -26.00 19.03
N LEU A 125 0.50 -26.17 17.75
CA LEU A 125 1.33 -27.25 17.28
C LEU A 125 2.83 -27.08 17.49
N GLY A 126 3.34 -25.87 17.54
CA GLY A 126 4.77 -25.68 17.64
C GLY A 126 5.09 -24.22 17.49
N ARG A 127 6.35 -23.89 17.37
CA ARG A 127 6.76 -22.55 17.11
C ARG A 127 7.23 -22.38 15.69
N PRO A 128 6.37 -21.90 14.75
CA PRO A 128 6.97 -21.67 13.43
C PRO A 128 7.90 -20.45 13.35
N ALA A 129 8.78 -20.46 12.38
CA ALA A 129 9.59 -19.31 12.09
C ALA A 129 8.71 -18.16 11.59
N ARG A 130 7.72 -18.46 10.76
CA ARG A 130 6.94 -17.45 10.14
C ARG A 130 5.58 -18.06 9.90
N ILE A 131 4.53 -17.28 10.05
CA ILE A 131 3.27 -17.67 9.43
C ILE A 131 2.90 -16.61 8.39
N GLN A 132 2.58 -17.06 7.19
CA GLN A 132 2.15 -16.19 6.13
C GLN A 132 0.72 -16.61 5.67
N LEU A 133 0.06 -15.75 4.90
CA LEU A 133 -1.31 -15.97 4.49
C LEU A 133 -1.51 -15.73 3.01
N ALA A 134 -2.13 -16.70 2.37
CA ALA A 134 -2.48 -16.55 0.99
C ALA A 134 -3.95 -16.76 0.85
N VAL A 135 -4.61 -15.81 0.22
CA VAL A 135 -6.04 -15.95 -0.04
C VAL A 135 -6.31 -15.66 -1.50
N LEU A 136 -7.33 -16.28 -2.04
CA LEU A 136 -7.77 -15.99 -3.39
C LEU A 136 -8.46 -14.62 -3.48
N VAL A 137 -9.30 -14.27 -2.51
CA VAL A 137 -10.00 -13.02 -2.57
C VAL A 137 -9.89 -12.31 -1.26
N ASP A 138 -9.56 -11.04 -1.30
CA ASP A 138 -9.64 -10.19 -0.13
C ASP A 138 -10.76 -9.20 -0.40
N ARG A 139 -11.82 -9.27 0.42
CA ARG A 139 -13.00 -8.47 0.19
C ARG A 139 -13.19 -7.32 1.18
N GLY A 140 -12.18 -7.05 2.01
CA GLY A 140 -12.27 -5.99 2.99
C GLY A 140 -13.07 -6.31 4.20
N HIS A 141 -13.40 -5.27 4.92
CA HIS A 141 -14.13 -5.30 6.21
C HIS A 141 -13.44 -6.02 7.33
N ARG A 142 -12.16 -5.74 7.48
CA ARG A 142 -11.38 -6.37 8.52
C ARG A 142 -11.87 -5.98 9.89
N GLU A 143 -11.94 -6.95 10.80
CA GLU A 143 -12.32 -6.72 12.17
C GLU A 143 -11.20 -7.04 13.14
N LEU A 144 -10.08 -7.50 12.63
CA LEU A 144 -8.93 -7.82 13.46
C LEU A 144 -7.74 -7.29 12.66
N PRO A 145 -6.59 -7.02 13.30
CA PRO A 145 -5.53 -6.44 12.48
C PRO A 145 -4.74 -7.47 11.69
N ILE A 146 -5.37 -7.99 10.66
CA ILE A 146 -4.83 -9.06 9.92
C ILE A 146 -4.77 -8.73 8.46
N ARG A 147 -3.68 -9.14 7.78
CA ARG A 147 -3.62 -9.01 6.34
C ARG A 147 -3.03 -10.24 5.67
N ALA A 148 -3.40 -10.44 4.42
CA ALA A 148 -2.81 -11.44 3.61
C ALA A 148 -1.45 -11.00 3.05
N ASP A 149 -0.51 -11.92 2.98
CA ASP A 149 0.67 -11.72 2.23
C ASP A 149 0.44 -11.87 0.76
N PHE A 150 -0.35 -12.84 0.34
CA PHE A 150 -0.55 -13.08 -1.05
C PHE A 150 -2.04 -13.05 -1.34
N VAL A 151 -2.42 -12.27 -2.33
CA VAL A 151 -3.84 -12.03 -2.62
C VAL A 151 -4.06 -12.23 -4.09
N GLY A 152 -5.04 -13.03 -4.43
CA GLY A 152 -5.42 -13.19 -5.85
C GLY A 152 -6.11 -11.99 -6.45
N LYS A 153 -7.11 -11.46 -5.78
CA LYS A 153 -7.78 -10.27 -6.25
C LYS A 153 -8.36 -9.52 -5.08
N ASN A 154 -8.22 -8.21 -5.07
CA ASN A 154 -8.90 -7.40 -4.10
C ASN A 154 -10.23 -7.10 -4.67
N VAL A 155 -11.28 -7.48 -3.98
CA VAL A 155 -12.63 -7.24 -4.49
C VAL A 155 -13.45 -6.35 -3.55
N PRO A 156 -13.68 -5.05 -3.92
CA PRO A 156 -14.46 -4.28 -2.92
C PRO A 156 -15.88 -4.74 -2.79
N THR A 157 -16.43 -4.65 -1.60
CA THR A 157 -17.75 -5.13 -1.37
C THR A 157 -18.43 -4.28 -0.33
N SER A 158 -19.75 -4.34 -0.28
CA SER A 158 -20.49 -3.74 0.82
C SER A 158 -20.68 -4.81 1.85
N ARG A 159 -21.07 -4.42 3.05
CA ARG A 159 -21.22 -5.36 4.15
C ARG A 159 -22.24 -6.42 3.82
N SER A 160 -23.30 -6.04 3.14
CA SER A 160 -24.36 -6.98 2.84
C SER A 160 -24.04 -8.04 1.76
N GLU A 161 -23.07 -7.77 0.89
CA GLU A 161 -22.80 -8.67 -0.24
C GLU A 161 -22.10 -9.92 0.24
N LEU A 162 -22.05 -10.91 -0.62
CA LEU A 162 -21.39 -12.14 -0.28
C LEU A 162 -20.49 -12.57 -1.44
N ILE A 163 -19.32 -13.10 -1.10
CA ILE A 163 -18.41 -13.62 -2.11
C ILE A 163 -18.54 -15.12 -2.10
N VAL A 164 -18.75 -15.70 -3.27
CA VAL A 164 -18.86 -17.12 -3.36
C VAL A 164 -17.77 -17.67 -4.26
N VAL A 165 -17.01 -18.62 -3.77
CA VAL A 165 -15.96 -19.21 -4.56
C VAL A 165 -16.35 -20.63 -4.90
N GLU A 166 -16.30 -20.97 -6.18
CA GLU A 166 -16.65 -22.29 -6.60
C GLU A 166 -15.40 -22.90 -7.15
N LEU A 167 -15.15 -24.15 -6.77
CA LEU A 167 -14.00 -24.84 -7.23
C LEU A 167 -14.37 -26.17 -7.81
N ASP A 168 -13.60 -26.56 -8.79
CA ASP A 168 -13.84 -27.69 -9.63
C ASP A 168 -14.06 -28.96 -8.86
N GLU A 169 -13.26 -29.11 -7.81
CA GLU A 169 -13.21 -30.32 -7.03
C GLU A 169 -14.50 -30.62 -6.35
N VAL A 170 -15.21 -29.61 -5.89
CA VAL A 170 -16.47 -29.87 -5.22
C VAL A 170 -17.69 -29.22 -5.85
N ASP A 171 -17.52 -28.26 -6.74
CA ASP A 171 -18.69 -27.62 -7.37
C ASP A 171 -18.74 -27.89 -8.86
N GLN A 172 -17.68 -28.44 -9.42
CA GLN A 172 -17.61 -28.76 -10.85
C GLN A 172 -17.74 -27.53 -11.75
N ASN A 173 -17.33 -26.38 -11.23
CA ASN A 173 -17.08 -25.22 -12.04
C ASN A 173 -16.09 -24.36 -11.25
N ASP A 174 -15.11 -23.71 -11.89
CA ASP A 174 -14.23 -22.78 -11.18
C ASP A 174 -14.73 -21.38 -11.42
N GLN A 175 -15.15 -20.67 -10.38
CA GLN A 175 -15.69 -19.33 -10.58
C GLN A 175 -15.74 -18.53 -9.28
N VAL A 176 -15.63 -17.23 -9.36
CA VAL A 176 -15.88 -16.39 -8.20
C VAL A 176 -16.94 -15.34 -8.50
N SER A 177 -17.91 -15.19 -7.60
CA SER A 177 -19.03 -14.27 -7.85
C SER A 177 -19.44 -13.51 -6.63
N ILE A 178 -20.21 -12.43 -6.84
CA ILE A 178 -20.77 -11.62 -5.77
C ILE A 178 -22.28 -11.79 -5.72
N HIS A 179 -22.83 -11.96 -4.52
CA HIS A 179 -24.19 -12.44 -4.32
C HIS A 179 -25.04 -11.49 -3.51
N GLU A 180 -26.28 -11.92 -3.27
CA GLU A 180 -27.30 -11.16 -2.49
C GLU A 180 -27.46 -9.76 -3.08
N LYS B 5 24.61 4.23 16.22
CA LYS B 5 23.19 4.57 16.39
C LYS B 5 22.83 5.89 15.66
N ALA B 6 21.54 6.15 15.49
CA ALA B 6 21.11 7.41 14.90
C ALA B 6 19.74 7.85 15.40
N VAL B 7 19.42 9.14 15.36
CA VAL B 7 18.10 9.61 15.72
C VAL B 7 17.19 9.73 14.51
N ILE B 8 16.03 9.11 14.58
CA ILE B 8 15.16 9.09 13.43
C ILE B 8 13.89 9.81 13.70
N MET B 9 13.53 9.99 14.95
CA MET B 9 12.40 10.86 15.30
C MET B 9 12.72 11.65 16.55
N ASP B 10 12.31 12.91 16.57
CA ASP B 10 12.52 13.75 17.74
C ASP B 10 11.21 14.17 18.39
N GLU B 11 11.31 14.95 19.45
CA GLU B 11 10.15 15.20 20.24
C GLU B 11 9.05 15.80 19.37
N GLN B 12 9.42 16.67 18.44
CA GLN B 12 8.43 17.30 17.60
C GLN B 12 7.84 16.36 16.55
N ALA B 13 8.68 15.50 15.98
CA ALA B 13 8.17 14.50 15.04
C ALA B 13 7.23 13.51 15.73
N ILE B 14 7.52 13.14 16.96
CA ILE B 14 6.66 12.26 17.69
C ILE B 14 5.34 12.92 17.96
N ARG B 15 5.37 14.19 18.33
CA ARG B 15 4.15 14.93 18.66
C ARG B 15 3.27 15.04 17.43
N ARG B 16 3.90 15.26 16.29
CA ARG B 16 3.12 15.39 15.07
C ARG B 16 2.52 14.08 14.64
N ALA B 17 3.24 12.98 14.83
CA ALA B 17 2.74 11.67 14.46
C ALA B 17 1.55 11.24 15.32
N LEU B 18 1.64 11.47 16.63
CA LEU B 18 0.52 11.15 17.54
C LEU B 18 -0.71 11.99 17.29
N THR B 19 -0.52 13.25 16.98
CA THR B 19 -1.64 14.11 16.65
C THR B 19 -2.35 13.65 15.39
N ARG B 20 -1.57 13.26 14.40
CA ARG B 20 -2.14 12.75 13.19
C ARG B 20 -2.85 11.44 13.42
N ILE B 21 -2.27 10.53 14.23
CA ILE B 21 -2.92 9.25 14.47
C ILE B 21 -4.25 9.49 15.11
N ALA B 22 -4.31 10.42 16.04
CA ALA B 22 -5.53 10.68 16.74
C ALA B 22 -6.60 11.10 15.81
N HIS B 23 -6.27 11.97 14.86
CA HIS B 23 -7.26 12.38 13.84
C HIS B 23 -7.67 11.23 12.92
N GLU B 24 -6.75 10.34 12.56
CA GLU B 24 -7.09 9.17 11.75
C GLU B 24 -7.99 8.23 12.47
N ILE B 25 -7.80 8.06 13.77
CA ILE B 25 -8.67 7.18 14.55
C ILE B 25 -10.10 7.67 14.56
N ILE B 26 -10.28 8.97 14.74
CA ILE B 26 -11.61 9.56 14.74
C ILE B 26 -12.24 9.47 13.38
N GLU B 27 -11.46 9.72 12.35
CA GLU B 27 -11.94 9.70 10.98
C GLU B 27 -12.41 8.34 10.55
N ARG B 28 -11.61 7.31 10.86
CA ARG B 28 -11.88 5.97 10.41
C ARG B 28 -13.09 5.41 11.11
N ASN B 29 -13.30 5.81 12.34
CA ASN B 29 -14.38 5.29 13.11
C ASN B 29 -15.56 6.21 13.17
N LYS B 30 -15.49 7.33 12.45
CA LYS B 30 -16.59 8.30 12.37
C LYS B 30 -16.99 8.87 13.72
N GLY B 31 -16.01 9.24 14.50
CA GLY B 31 -16.26 9.67 15.85
C GLY B 31 -15.83 8.55 16.77
N ILE B 32 -15.72 8.83 18.06
CA ILE B 32 -15.16 7.87 18.99
C ILE B 32 -16.20 7.06 19.72
N ASP B 33 -17.42 7.09 19.26
CA ASP B 33 -18.44 6.35 19.93
C ASP B 33 -18.03 4.90 19.99
N GLY B 34 -18.01 4.32 21.19
CA GLY B 34 -17.73 2.89 21.32
C GLY B 34 -16.27 2.46 21.23
N CYS B 35 -15.34 3.40 21.22
CA CYS B 35 -13.94 3.08 21.04
C CYS B 35 -13.22 3.08 22.35
N VAL B 36 -12.34 2.12 22.54
CA VAL B 36 -11.51 2.12 23.72
C VAL B 36 -10.08 1.92 23.32
N LEU B 37 -9.15 2.34 24.13
CA LEU B 37 -7.75 2.21 23.82
C LEU B 37 -7.16 1.24 24.83
N VAL B 38 -6.37 0.27 24.37
CA VAL B 38 -5.66 -0.60 25.28
C VAL B 38 -4.16 -0.61 24.96
N GLY B 39 -3.35 -0.08 25.85
CA GLY B 39 -1.93 -0.02 25.65
C GLY B 39 -1.28 -1.33 26.00
N ILE B 40 -0.16 -1.63 25.35
CA ILE B 40 0.61 -2.83 25.61
C ILE B 40 1.95 -2.44 26.22
N LYS B 41 2.22 -2.96 27.42
CA LYS B 41 3.52 -2.83 28.11
C LYS B 41 3.66 -1.43 28.60
N THR B 42 4.85 -1.07 29.03
CA THR B 42 5.00 0.23 29.64
C THR B 42 4.87 1.33 28.64
N ARG B 43 5.58 1.21 27.54
CA ARG B 43 5.59 2.29 26.58
C ARG B 43 4.28 2.36 25.80
N GLY B 44 3.66 1.24 25.52
CA GLY B 44 2.37 1.25 24.88
C GLY B 44 1.26 1.92 25.67
N ILE B 45 1.30 1.77 27.00
CA ILE B 45 0.34 2.40 27.89
C ILE B 45 0.46 3.93 27.86
N TYR B 46 1.69 4.41 27.83
CA TYR B 46 1.92 5.83 27.77
C TYR B 46 1.41 6.42 26.49
N LEU B 47 1.60 5.72 25.37
CA LEU B 47 1.11 6.21 24.10
C LEU B 47 -0.40 6.17 24.03
N ALA B 48 -1.02 5.17 24.61
CA ALA B 48 -2.49 5.10 24.60
C ALA B 48 -3.13 6.24 25.37
N ARG B 49 -2.51 6.62 26.48
CA ARG B 49 -2.94 7.78 27.29
C ARG B 49 -2.81 9.10 26.56
N ARG B 50 -1.68 9.26 25.88
CA ARG B 50 -1.49 10.45 25.05
C ARG B 50 -2.49 10.56 23.93
N LEU B 51 -2.76 9.43 23.31
CA LEU B 51 -3.74 9.40 22.25
C LEU B 51 -5.12 9.74 22.80
N ALA B 52 -5.40 9.24 23.99
CA ALA B 52 -6.72 9.47 24.58
C ALA B 52 -6.91 10.95 24.91
N GLU B 53 -5.86 11.57 25.40
CA GLU B 53 -5.91 12.97 25.73
C GLU B 53 -6.16 13.81 24.48
N ARG B 54 -5.43 13.50 23.42
CA ARG B 54 -5.60 14.22 22.17
C ARG B 54 -6.99 14.07 21.63
N ILE B 55 -7.54 12.87 21.68
CA ILE B 55 -8.82 12.65 21.07
C ILE B 55 -9.88 13.42 21.82
N GLU B 56 -9.72 13.53 23.13
CA GLU B 56 -10.63 14.27 23.96
C GLU B 56 -10.56 15.75 23.61
N GLN B 57 -9.36 16.26 23.45
CA GLN B 57 -9.17 17.63 23.06
C GLN B 57 -9.88 17.85 21.77
N ILE B 58 -9.65 16.98 20.80
CA ILE B 58 -10.23 17.14 19.51
C ILE B 58 -11.73 16.99 19.57
N GLU B 59 -12.22 16.03 20.31
CA GLU B 59 -13.63 15.67 20.19
C GLU B 59 -14.54 15.89 21.40
N GLY B 60 -13.98 16.27 22.55
CA GLY B 60 -14.78 16.63 23.73
C GLY B 60 -15.52 15.56 24.55
N ALA B 61 -15.16 14.30 24.38
CA ALA B 61 -15.68 13.24 25.21
C ALA B 61 -14.48 12.34 25.50
N PRO B 62 -14.41 11.70 26.70
CA PRO B 62 -13.17 10.94 26.94
C PRO B 62 -13.10 9.52 26.37
N VAL B 63 -11.89 8.98 26.30
CA VAL B 63 -11.70 7.65 25.76
C VAL B 63 -11.19 6.77 26.85
N PRO B 64 -11.88 5.63 27.15
CA PRO B 64 -11.31 4.79 28.20
C PRO B 64 -9.98 4.18 27.79
N VAL B 65 -9.09 4.01 28.74
CA VAL B 65 -7.81 3.39 28.52
C VAL B 65 -7.67 2.11 29.38
N GLY B 66 -7.06 1.07 28.82
CA GLY B 66 -6.86 -0.18 29.50
C GLY B 66 -5.40 -0.55 29.35
N GLU B 67 -4.96 -1.56 30.09
CA GLU B 67 -3.56 -1.97 30.00
C GLU B 67 -3.39 -3.46 29.92
N ILE B 68 -2.34 -3.88 29.23
CA ILE B 68 -1.97 -5.30 29.18
C ILE B 68 -0.48 -5.39 29.43
N ASP B 69 -0.07 -6.30 30.32
CA ASP B 69 1.31 -6.42 30.75
C ASP B 69 1.84 -7.60 30.06
N ILE B 70 2.84 -7.42 29.20
CA ILE B 70 3.38 -8.54 28.47
C ILE B 70 4.80 -8.69 28.90
N THR B 71 5.19 -9.91 29.19
CA THR B 71 6.53 -10.12 29.67
C THR B 71 7.12 -11.29 28.92
N LEU B 72 8.44 -11.40 29.00
CA LEU B 72 9.16 -12.30 28.16
C LEU B 72 9.89 -13.40 28.96
N TYR B 73 9.70 -14.66 28.55
CA TYR B 73 10.28 -15.80 29.26
C TYR B 73 11.26 -16.54 28.36
N ASP B 83 14.08 -17.44 19.53
CA ASP B 83 12.66 -17.15 19.62
C ASP B 83 12.20 -17.40 21.06
N ASP B 84 12.22 -16.35 21.85
CA ASP B 84 11.64 -16.39 23.20
C ASP B 84 10.24 -15.77 23.19
N GLU B 85 9.21 -16.60 23.33
CA GLU B 85 7.83 -16.20 23.00
C GLU B 85 7.18 -15.30 24.06
N PRO B 86 6.50 -14.21 23.65
CA PRO B 86 5.97 -13.33 24.69
C PRO B 86 4.69 -13.81 25.33
N LEU B 87 4.53 -13.52 26.63
CA LEU B 87 3.37 -13.99 27.39
C LEU B 87 2.67 -12.89 28.13
N VAL B 88 1.35 -12.98 28.20
CA VAL B 88 0.60 -12.02 28.95
C VAL B 88 0.75 -12.30 30.44
N LYS B 89 1.35 -11.35 31.14
CA LYS B 89 1.43 -11.34 32.60
C LYS B 89 0.11 -11.02 33.29
N GLY B 90 -0.60 -10.00 32.84
CA GLY B 90 -1.80 -9.54 33.54
C GLY B 90 -2.58 -8.54 32.72
N THR B 91 -3.78 -8.21 33.12
CA THR B 91 -4.48 -7.17 32.43
C THR B 91 -5.20 -6.31 33.40
N ASN B 92 -5.37 -5.05 33.02
CA ASN B 92 -6.20 -4.14 33.79
C ASN B 92 -7.03 -3.34 32.84
N VAL B 93 -8.14 -3.92 32.43
CA VAL B 93 -9.05 -3.25 31.53
C VAL B 93 -10.34 -2.97 32.25
N PRO B 94 -10.50 -1.75 32.82
CA PRO B 94 -11.67 -1.64 33.69
C PRO B 94 -12.93 -1.18 33.01
N PHE B 95 -13.30 -1.85 31.95
CA PHE B 95 -14.58 -1.58 31.28
C PHE B 95 -14.83 -2.79 30.45
N PRO B 96 -16.06 -3.01 30.04
CA PRO B 96 -16.25 -4.17 29.16
C PRO B 96 -15.65 -3.96 27.75
N VAL B 97 -15.24 -5.02 27.08
CA VAL B 97 -14.80 -4.90 25.70
C VAL B 97 -15.77 -5.42 24.67
N THR B 98 -16.89 -5.95 25.11
CA THR B 98 -17.81 -6.58 24.19
C THR B 98 -18.50 -5.54 23.33
N GLU B 99 -18.52 -5.82 22.04
CA GLU B 99 -19.15 -4.97 21.08
C GLU B 99 -18.51 -3.63 20.99
N ARG B 100 -17.27 -3.54 21.41
CA ARG B 100 -16.57 -2.30 21.33
C ARG B 100 -15.52 -2.39 20.25
N ASN B 101 -15.06 -1.22 19.87
CA ASN B 101 -13.98 -1.15 18.97
C ASN B 101 -12.69 -0.91 19.79
N VAL B 102 -11.86 -1.93 19.91
CA VAL B 102 -10.69 -1.84 20.75
C VAL B 102 -9.46 -1.52 19.91
N ILE B 103 -8.77 -0.43 20.24
CA ILE B 103 -7.56 -0.10 19.54
C ILE B 103 -6.40 -0.44 20.44
N LEU B 104 -5.62 -1.43 20.05
CA LEU B 104 -4.40 -1.77 20.75
C LEU B 104 -3.33 -0.75 20.43
N VAL B 105 -2.48 -0.41 21.40
CA VAL B 105 -1.44 0.56 21.19
C VAL B 105 -0.11 0.01 21.64
N ASP B 106 0.88 0.05 20.78
CA ASP B 106 2.20 -0.33 21.19
C ASP B 106 3.21 0.62 20.59
N ASP B 107 4.39 0.51 21.12
CA ASP B 107 5.57 1.19 20.75
C ASP B 107 6.10 0.95 19.32
N VAL B 108 6.37 -0.31 19.02
CA VAL B 108 7.08 -0.70 17.83
C VAL B 108 6.50 -2.02 17.37
N LEU B 109 6.21 -2.12 16.08
CA LEU B 109 5.75 -3.36 15.51
C LEU B 109 6.92 -3.95 14.81
N PHE B 110 7.27 -5.17 15.19
CA PHE B 110 8.43 -5.87 14.65
C PHE B 110 7.95 -7.17 14.05
N THR B 111 8.16 -8.30 14.73
CA THR B 111 7.63 -9.58 14.25
C THR B 111 6.10 -9.71 14.35
N GLY B 112 5.47 -8.95 15.24
CA GLY B 112 4.03 -9.02 15.42
C GLY B 112 3.62 -9.96 16.52
N ARG B 113 4.59 -10.63 17.16
CA ARG B 113 4.25 -11.64 18.19
C ARG B 113 3.70 -11.05 19.49
N THR B 114 4.19 -9.91 19.89
CA THR B 114 3.64 -9.22 21.05
C THR B 114 2.22 -8.79 20.81
N VAL B 115 1.92 -8.26 19.63
CA VAL B 115 0.56 -7.82 19.33
C VAL B 115 -0.39 -8.98 19.30
N ARG B 116 0.06 -10.14 18.85
CA ARG B 116 -0.78 -11.30 18.82
C ARG B 116 -1.13 -11.83 20.23
N ALA B 117 -0.20 -11.75 21.17
CA ALA B 117 -0.53 -12.07 22.54
C ALA B 117 -1.55 -11.10 23.11
N GLY B 118 -1.39 -9.80 22.82
CA GLY B 118 -2.29 -8.76 23.30
C GLY B 118 -3.66 -8.91 22.74
N MET B 119 -3.74 -9.32 21.49
CA MET B 119 -4.98 -9.59 20.84
C MET B 119 -5.66 -10.78 21.51
N ASP B 120 -4.89 -11.79 21.86
CA ASP B 120 -5.41 -12.97 22.54
C ASP B 120 -5.92 -12.67 23.92
N ALA B 121 -5.24 -11.78 24.63
CA ALA B 121 -5.73 -11.34 25.91
C ALA B 121 -7.07 -10.61 25.81
N VAL B 122 -7.24 -9.72 24.82
CA VAL B 122 -8.49 -9.01 24.66
C VAL B 122 -9.63 -9.96 24.34
N MET B 123 -9.34 -11.00 23.57
CA MET B 123 -10.35 -11.98 23.19
C MET B 123 -10.79 -12.90 24.33
N ASP B 124 -9.94 -13.10 25.34
CA ASP B 124 -10.32 -13.74 26.58
C ASP B 124 -11.22 -12.90 27.45
N LEU B 125 -11.04 -11.59 27.44
CA LEU B 125 -11.83 -10.69 28.26
C LEU B 125 -13.21 -10.46 27.75
N GLY B 126 -13.47 -10.70 26.48
CA GLY B 126 -14.76 -10.38 25.94
C GLY B 126 -14.79 -10.65 24.48
N ARG B 127 -15.87 -10.22 23.83
CA ARG B 127 -16.00 -10.33 22.40
C ARG B 127 -16.17 -8.96 21.71
N PRO B 128 -15.04 -8.32 21.29
CA PRO B 128 -15.19 -6.99 20.70
C PRO B 128 -15.74 -6.99 19.28
N ALA B 129 -16.31 -5.87 18.89
CA ALA B 129 -16.75 -5.73 17.50
C ALA B 129 -15.57 -5.74 16.53
N ARG B 130 -14.48 -5.09 16.96
CA ARG B 130 -13.36 -4.84 16.09
C ARG B 130 -12.15 -4.73 17.00
N ILE B 131 -11.02 -5.27 16.56
CA ILE B 131 -9.73 -4.90 17.19
C ILE B 131 -8.85 -4.22 16.18
N GLN B 132 -8.34 -3.04 16.52
CA GLN B 132 -7.49 -2.30 15.64
C GLN B 132 -6.16 -2.11 16.31
N LEU B 133 -5.15 -1.70 15.52
CA LEU B 133 -3.83 -1.52 16.06
C LEU B 133 -3.20 -0.19 15.68
N ALA B 134 -2.67 0.52 16.68
CA ALA B 134 -1.90 1.71 16.44
C ALA B 134 -0.49 1.54 17.00
N VAL B 135 0.53 1.85 16.21
CA VAL B 135 1.91 1.81 16.67
C VAL B 135 2.68 3.04 16.23
N LEU B 136 3.66 3.43 17.04
CA LEU B 136 4.46 4.59 16.71
C LEU B 136 5.41 4.26 15.58
N VAL B 137 5.97 3.06 15.61
CA VAL B 137 6.94 2.71 14.62
C VAL B 137 6.67 1.31 14.11
N ASP B 138 6.68 1.15 12.79
CA ASP B 138 6.63 -0.15 12.20
C ASP B 138 7.97 -0.33 11.55
N ARG B 139 8.70 -1.32 12.01
CA ARG B 139 10.05 -1.55 11.52
C ARG B 139 10.19 -2.75 10.61
N GLY B 140 9.08 -3.35 10.20
CA GLY B 140 9.15 -4.51 9.34
C GLY B 140 9.48 -5.82 10.02
N HIS B 141 9.84 -6.80 9.20
CA HIS B 141 10.18 -8.18 9.62
C HIS B 141 9.04 -8.93 10.27
N ARG B 142 7.85 -8.80 9.69
CA ARG B 142 6.68 -9.48 10.22
C ARG B 142 6.87 -10.97 10.15
N GLU B 143 6.45 -11.67 11.20
CA GLU B 143 6.51 -13.13 11.23
C GLU B 143 5.15 -13.76 11.43
N LEU B 144 4.12 -12.93 11.52
CA LEU B 144 2.77 -13.38 11.61
C LEU B 144 2.00 -12.45 10.68
N PRO B 145 0.79 -12.85 10.20
CA PRO B 145 0.18 -11.95 9.24
C PRO B 145 -0.63 -10.86 9.88
N ILE B 146 0.08 -9.89 10.45
CA ILE B 146 -0.54 -8.85 11.27
C ILE B 146 -0.15 -7.53 10.67
N ARG B 147 -1.03 -6.54 10.70
CA ARG B 147 -0.61 -5.19 10.29
C ARG B 147 -1.23 -4.18 11.21
N ALA B 148 -0.60 -3.02 11.29
CA ALA B 148 -1.15 -1.89 12.00
C ALA B 148 -2.15 -1.10 11.17
N ASP B 149 -3.25 -0.72 11.76
CA ASP B 149 -4.14 0.23 11.11
C ASP B 149 -3.58 1.66 11.06
N PHE B 150 -2.87 2.10 12.13
CA PHE B 150 -2.35 3.43 12.22
C PHE B 150 -0.91 3.34 12.54
N VAL B 151 -0.08 4.06 11.81
CA VAL B 151 1.36 3.90 11.93
C VAL B 151 1.94 5.27 12.01
N GLY B 152 2.78 5.54 13.00
CA GLY B 152 3.48 6.81 13.07
C GLY B 152 4.56 7.00 12.00
N LYS B 153 5.47 6.06 11.86
CA LYS B 153 6.49 6.16 10.85
C LYS B 153 6.87 4.77 10.47
N ASN B 154 7.04 4.51 9.19
CA ASN B 154 7.60 3.23 8.75
C ASN B 154 9.09 3.41 8.73
N VAL B 155 9.82 2.55 9.43
CA VAL B 155 11.27 2.69 9.51
C VAL B 155 11.99 1.44 9.07
N PRO B 156 12.66 1.47 7.90
CA PRO B 156 13.25 0.19 7.51
C PRO B 156 14.43 -0.14 8.40
N THR B 157 14.65 -1.42 8.65
CA THR B 157 15.74 -1.84 9.48
C THR B 157 16.26 -3.12 8.96
N SER B 158 17.45 -3.48 9.41
CA SER B 158 17.95 -4.84 9.17
C SER B 158 17.59 -5.63 10.38
N ARG B 159 17.74 -6.94 10.27
CA ARG B 159 17.39 -7.84 11.36
C ARG B 159 18.16 -7.54 12.60
N SER B 160 19.42 -7.20 12.44
CA SER B 160 20.32 -6.99 13.57
C SER B 160 20.11 -5.69 14.32
N GLU B 161 19.48 -4.70 13.70
CA GLU B 161 19.27 -3.40 14.31
C GLU B 161 18.13 -3.43 15.33
N LEU B 162 18.04 -2.36 16.13
CA LEU B 162 17.08 -2.29 17.20
C LEU B 162 16.46 -0.89 17.20
N ILE B 163 15.19 -0.81 17.50
CA ILE B 163 14.53 0.49 17.58
C ILE B 163 14.26 0.81 19.02
N VAL B 164 14.63 2.01 19.47
CA VAL B 164 14.45 2.34 20.85
C VAL B 164 13.58 3.57 20.94
N VAL B 165 12.51 3.47 21.71
CA VAL B 165 11.63 4.59 21.91
C VAL B 165 11.75 5.08 23.34
N GLU B 166 11.99 6.37 23.49
CA GLU B 166 12.09 6.96 24.79
C GLU B 166 10.95 7.87 24.90
N LEU B 167 10.22 7.75 25.97
CA LEU B 167 9.09 8.58 26.19
C LEU B 167 9.36 9.37 27.46
N ASP B 168 8.77 10.55 27.51
CA ASP B 168 8.98 11.56 28.53
C ASP B 168 8.67 11.06 29.94
N GLU B 169 7.62 10.27 30.03
CA GLU B 169 7.11 9.79 31.29
C GLU B 169 8.10 8.94 32.03
N VAL B 170 8.88 8.16 31.31
CA VAL B 170 9.79 7.19 31.92
C VAL B 170 11.26 7.40 31.56
N ASP B 171 11.60 8.19 30.53
CA ASP B 171 13.01 8.46 30.23
C ASP B 171 13.36 9.94 30.28
N GLN B 172 12.35 10.81 30.34
CA GLN B 172 12.54 12.27 30.45
C GLN B 172 13.03 12.94 29.17
N ASN B 173 13.05 12.14 28.11
CA ASN B 173 13.30 12.57 26.75
C ASN B 173 12.33 11.87 25.80
N ASP B 174 11.70 12.59 24.87
CA ASP B 174 10.90 11.93 23.84
C ASP B 174 11.74 11.76 22.61
N GLN B 175 12.01 10.54 22.21
CA GLN B 175 12.70 10.40 20.93
C GLN B 175 12.77 8.93 20.50
N VAL B 176 12.98 8.72 19.22
CA VAL B 176 13.18 7.36 18.74
C VAL B 176 14.51 7.29 18.03
N SER B 177 15.18 6.16 18.17
CA SER B 177 16.51 5.98 17.64
C SER B 177 16.78 4.53 17.24
N ILE B 178 17.78 4.36 16.37
CA ILE B 178 18.21 3.06 15.89
C ILE B 178 19.56 2.75 16.46
N HIS B 179 19.75 1.50 16.89
CA HIS B 179 20.99 1.04 17.53
C HIS B 179 21.41 -0.20 16.76
N GLU B 180 22.65 -0.67 16.87
CA GLU B 180 22.98 -1.97 16.28
C GLU B 180 23.41 -3.06 17.26
N ASN B 181 22.60 -4.13 17.35
CA ASN B 181 22.84 -5.36 18.16
C ASN B 181 22.27 -5.21 19.55
N LYS C 5 28.65 -1.22 0.40
CA LYS C 5 28.64 -1.84 -0.93
C LYS C 5 28.16 -3.28 -0.68
N ALA C 6 26.85 -3.50 -0.82
CA ALA C 6 26.25 -4.79 -0.53
C ALA C 6 25.49 -5.27 -1.76
N VAL C 7 25.43 -6.57 -1.94
CA VAL C 7 24.60 -7.15 -2.98
C VAL C 7 23.19 -7.34 -2.43
N ILE C 8 22.18 -6.79 -3.08
CA ILE C 8 20.82 -6.91 -2.53
C ILE C 8 19.91 -7.80 -3.37
N MET C 9 20.24 -8.06 -4.64
CA MET C 9 19.62 -9.12 -5.43
C MET C 9 20.67 -9.83 -6.24
N ASP C 10 20.56 -11.15 -6.34
CA ASP C 10 21.51 -11.90 -7.14
C ASP C 10 20.82 -12.38 -8.39
N GLU C 11 21.50 -13.17 -9.18
CA GLU C 11 20.99 -13.55 -10.48
C GLU C 11 19.68 -14.27 -10.31
N GLN C 12 19.58 -15.10 -9.29
CA GLN C 12 18.35 -15.86 -9.08
C GLN C 12 17.15 -15.02 -8.60
N ALA C 13 17.39 -14.06 -7.72
CA ALA C 13 16.33 -13.19 -7.26
C ALA C 13 15.81 -12.35 -8.43
N ILE C 14 16.72 -11.91 -9.31
CA ILE C 14 16.34 -11.13 -10.45
C ILE C 14 15.50 -11.95 -11.39
N ARG C 15 15.86 -13.20 -11.58
CA ARG C 15 15.11 -14.08 -12.48
C ARG C 15 13.72 -14.31 -11.95
N ARG C 16 13.63 -14.49 -10.65
CA ARG C 16 12.34 -14.72 -10.03
C ARG C 16 11.46 -13.47 -10.02
N ALA C 17 12.02 -12.28 -9.82
CA ALA C 17 11.23 -11.07 -9.87
C ALA C 17 10.68 -10.82 -11.27
N LEU C 18 11.49 -11.01 -12.30
CA LEU C 18 11.04 -10.77 -13.66
C LEU C 18 9.94 -11.72 -14.07
N THR C 19 10.04 -12.97 -13.64
CA THR C 19 9.03 -13.96 -13.96
C THR C 19 7.68 -13.69 -13.29
N ARG C 20 7.70 -13.20 -12.06
CA ARG C 20 6.51 -12.77 -11.40
C ARG C 20 5.93 -11.54 -12.07
N ILE C 21 6.77 -10.58 -12.48
CA ILE C 21 6.29 -9.36 -13.11
C ILE C 21 5.58 -9.67 -14.42
N ALA C 22 6.11 -10.61 -15.18
CA ALA C 22 5.49 -11.03 -16.43
C ALA C 22 4.12 -11.63 -16.25
N HIS C 23 3.97 -12.47 -15.22
CA HIS C 23 2.65 -13.01 -14.85
C HIS C 23 1.70 -11.92 -14.39
N GLU C 24 2.20 -10.93 -13.66
CA GLU C 24 1.36 -9.84 -13.23
C GLU C 24 0.88 -9.01 -14.40
N ILE C 25 1.74 -8.80 -15.37
CA ILE C 25 1.38 -8.00 -16.53
C ILE C 25 0.26 -8.67 -17.30
N ILE C 26 0.36 -9.96 -17.46
CA ILE C 26 -0.63 -10.72 -18.18
C ILE C 26 -1.94 -10.68 -17.46
N GLU C 27 -1.92 -10.81 -16.16
CA GLU C 27 -3.16 -10.79 -15.36
C GLU C 27 -3.91 -9.50 -15.53
N ARG C 28 -3.18 -8.43 -15.34
CA ARG C 28 -3.78 -7.13 -15.31
C ARG C 28 -4.23 -6.66 -16.67
N ASN C 29 -3.49 -7.07 -17.68
CA ASN C 29 -3.51 -6.51 -19.04
C ASN C 29 -4.18 -7.48 -19.97
N LYS C 30 -5.14 -8.23 -19.45
CA LYS C 30 -5.74 -9.23 -20.31
C LYS C 30 -6.55 -8.55 -21.38
N ASP C 33 -6.60 -7.31 -27.73
CA ASP C 33 -5.81 -7.73 -26.59
C ASP C 33 -4.33 -7.19 -26.68
N GLY C 34 -3.49 -7.49 -25.72
CA GLY C 34 -2.08 -7.30 -25.85
C GLY C 34 -1.71 -6.18 -24.98
N CYS C 35 -0.48 -5.73 -25.12
CA CYS C 35 0.02 -4.56 -24.41
C CYS C 35 1.27 -4.37 -25.21
N VAL C 36 1.99 -3.29 -25.03
CA VAL C 36 3.33 -3.16 -25.61
C VAL C 36 4.29 -2.74 -24.55
N LEU C 37 5.56 -3.07 -24.78
CA LEU C 37 6.62 -2.74 -23.84
C LEU C 37 7.55 -1.69 -24.43
N VAL C 38 7.80 -0.61 -23.72
CA VAL C 38 8.79 0.35 -24.15
C VAL C 38 9.86 0.53 -23.08
N GLY C 39 11.09 0.17 -23.41
CA GLY C 39 12.18 0.27 -22.46
C GLY C 39 12.87 1.60 -22.48
N ILE C 40 13.40 2.01 -21.33
CA ILE C 40 14.03 3.29 -21.21
C ILE C 40 15.50 3.08 -21.00
N LYS C 41 16.32 3.69 -21.88
CA LYS C 41 17.76 3.68 -21.77
C LYS C 41 18.24 2.27 -22.00
N THR C 42 19.53 2.02 -21.81
CA THR C 42 20.09 0.76 -22.18
C THR C 42 19.62 -0.37 -21.30
N ARG C 43 19.62 -0.17 -19.99
CA ARG C 43 19.21 -1.26 -19.10
C ARG C 43 17.71 -1.51 -19.12
N GLY C 44 16.91 -0.46 -19.29
CA GLY C 44 15.49 -0.62 -19.41
C GLY C 44 15.06 -1.37 -20.63
N ILE C 45 15.77 -1.19 -21.74
CA ILE C 45 15.52 -1.91 -22.97
C ILE C 45 15.82 -3.40 -22.82
N TYR C 46 16.86 -3.73 -22.07
CA TYR C 46 17.18 -5.15 -21.85
C TYR C 46 16.17 -5.88 -20.99
N LEU C 47 15.65 -5.21 -19.95
CA LEU C 47 14.59 -5.77 -19.11
C LEU C 47 13.28 -5.93 -19.86
N ALA C 48 12.93 -4.98 -20.72
CA ALA C 48 11.71 -5.09 -21.53
C ALA C 48 11.79 -6.28 -22.47
N ARG C 49 12.96 -6.51 -23.05
CA ARG C 49 13.14 -7.63 -23.93
C ARG C 49 13.02 -8.89 -23.19
N ARG C 50 13.58 -8.91 -22.00
CA ARG C 50 13.47 -10.10 -21.15
C ARG C 50 12.03 -10.37 -20.74
N LEU C 51 11.30 -9.31 -20.42
CA LEU C 51 9.89 -9.44 -20.10
C LEU C 51 9.07 -9.90 -21.29
N ALA C 52 9.37 -9.39 -22.47
CA ALA C 52 8.66 -9.79 -23.66
C ALA C 52 8.89 -11.26 -23.96
N GLU C 53 10.12 -11.71 -23.79
CA GLU C 53 10.43 -13.11 -24.06
C GLU C 53 9.66 -14.01 -23.08
N ARG C 54 9.60 -13.63 -21.81
CA ARG C 54 8.90 -14.44 -20.81
C ARG C 54 7.43 -14.51 -21.10
N ILE C 55 6.84 -13.40 -21.51
CA ILE C 55 5.41 -13.38 -21.80
C ILE C 55 5.02 -14.22 -23.01
N GLU C 56 5.84 -14.25 -24.06
CA GLU C 56 5.57 -15.09 -25.23
C GLU C 56 5.61 -16.55 -24.84
N GLN C 57 6.56 -16.90 -23.98
CA GLN C 57 6.72 -18.26 -23.51
C GLN C 57 5.46 -18.68 -22.71
N ILE C 58 4.96 -17.79 -21.85
CA ILE C 58 3.76 -18.03 -21.08
C ILE C 58 2.49 -18.00 -21.91
N GLU C 59 2.35 -17.06 -22.85
CA GLU C 59 1.10 -16.92 -23.58
C GLU C 59 1.15 -17.36 -25.03
N GLY C 60 2.34 -17.61 -25.57
CA GLY C 60 2.48 -18.08 -26.94
C GLY C 60 2.35 -17.02 -28.01
N ALA C 61 2.28 -15.76 -27.67
CA ALA C 61 2.19 -14.69 -28.69
C ALA C 61 3.37 -13.77 -28.46
N PRO C 62 3.81 -13.01 -29.50
CA PRO C 62 4.91 -12.10 -29.18
C PRO C 62 4.41 -10.77 -28.67
N VAL C 63 5.29 -10.04 -27.99
CA VAL C 63 4.95 -8.72 -27.51
C VAL C 63 5.87 -7.71 -28.18
N PRO C 64 5.28 -6.64 -28.79
CA PRO C 64 6.22 -5.69 -29.38
C PRO C 64 7.05 -4.91 -28.35
N VAL C 65 8.29 -4.59 -28.69
CA VAL C 65 9.14 -3.85 -27.81
C VAL C 65 9.65 -2.59 -28.50
N GLY C 66 9.70 -1.50 -27.75
CA GLY C 66 10.10 -0.19 -28.25
C GLY C 66 11.16 0.40 -27.38
N GLU C 67 11.79 1.48 -27.83
CA GLU C 67 12.98 2.01 -27.16
C GLU C 67 12.95 3.47 -27.03
N ILE C 68 13.39 3.99 -25.90
CA ILE C 68 13.52 5.41 -25.71
C ILE C 68 14.89 5.67 -25.18
N ASP C 69 15.59 6.64 -25.75
CA ASP C 69 16.94 6.97 -25.34
C ASP C 69 16.90 8.27 -24.56
N ILE C 70 17.40 8.25 -23.34
CA ILE C 70 17.29 9.42 -22.46
C ILE C 70 18.61 9.83 -21.92
N THR C 71 18.75 11.11 -21.69
CA THR C 71 19.97 11.59 -21.09
C THR C 71 19.84 12.96 -20.49
N LEU C 72 20.93 13.38 -19.88
CA LEU C 72 20.96 14.56 -19.06
C LEU C 72 21.77 15.69 -19.72
N TYR C 73 21.26 16.92 -19.60
CA TYR C 73 22.06 18.10 -19.94
C TYR C 73 22.10 19.18 -18.87
N ARG C 74 23.06 20.09 -19.04
CA ARG C 74 23.37 21.18 -18.11
C ARG C 74 22.37 22.36 -18.06
N ASP C 75 22.34 23.08 -16.93
CA ASP C 75 21.43 24.22 -16.75
C ASP C 75 20.90 24.68 -18.11
N ASP C 84 19.30 21.01 -13.80
CA ASP C 84 19.37 19.67 -14.33
C ASP C 84 17.96 19.14 -14.62
N GLU C 85 17.77 18.50 -15.78
CA GLU C 85 16.60 17.70 -16.05
C GLU C 85 16.96 16.72 -17.19
N PRO C 86 16.42 15.49 -17.17
CA PRO C 86 16.67 14.54 -18.27
C PRO C 86 15.82 14.81 -19.49
N LEU C 87 16.39 14.59 -20.68
CA LEU C 87 15.65 14.78 -21.91
C LEU C 87 15.85 13.65 -22.91
N VAL C 88 14.82 13.49 -23.71
CA VAL C 88 14.76 12.41 -24.69
C VAL C 88 15.63 12.69 -25.90
N LYS C 89 16.48 11.75 -26.22
CA LYS C 89 17.40 11.88 -27.34
C LYS C 89 16.78 11.35 -28.58
N GLY C 90 16.17 10.18 -28.48
CA GLY C 90 15.62 9.55 -29.65
C GLY C 90 14.64 8.48 -29.25
N THR C 91 13.87 7.99 -30.20
CA THR C 91 12.99 6.91 -29.91
C THR C 91 13.00 5.94 -31.05
N ASN C 92 12.76 4.69 -30.75
CA ASN C 92 12.64 3.69 -31.77
C ASN C 92 11.46 2.84 -31.38
N VAL C 93 10.27 3.34 -31.66
CA VAL C 93 9.08 2.56 -31.39
C VAL C 93 8.43 2.11 -32.68
N PRO C 94 8.71 0.84 -33.13
CA PRO C 94 8.25 0.58 -34.49
C PRO C 94 6.86 -0.02 -34.60
N PHE C 95 5.91 0.61 -33.91
CA PHE C 95 4.52 0.17 -33.99
C PHE C 95 3.72 1.36 -33.54
N PRO C 96 2.42 1.42 -33.90
CA PRO C 96 1.68 2.58 -33.36
C PRO C 96 1.39 2.43 -31.87
N VAL C 97 1.36 3.54 -31.15
CA VAL C 97 1.02 3.44 -29.73
C VAL C 97 -0.40 3.81 -29.48
N THR C 98 -1.12 4.28 -30.49
CA THR C 98 -2.47 4.77 -30.28
C THR C 98 -3.40 3.63 -29.89
N GLU C 99 -4.17 3.87 -28.84
CA GLU C 99 -5.16 2.95 -28.28
C GLU C 99 -4.53 1.71 -27.73
N ARG C 100 -3.26 1.78 -27.39
CA ARG C 100 -2.57 0.62 -26.89
C ARG C 100 -2.28 0.82 -25.42
N ASN C 101 -1.98 -0.30 -24.78
CA ASN C 101 -1.57 -0.25 -23.42
C ASN C 101 -0.07 -0.31 -23.41
N VAL C 102 0.56 0.80 -23.10
CA VAL C 102 2.00 0.86 -23.14
C VAL C 102 2.60 0.68 -21.74
N ILE C 103 3.53 -0.24 -21.61
CA ILE C 103 4.22 -0.43 -20.36
C ILE C 103 5.65 0.03 -20.50
N LEU C 104 5.98 1.09 -19.82
CA LEU C 104 7.34 1.58 -19.75
C LEU C 104 8.13 0.68 -18.84
N VAL C 105 9.38 0.45 -19.17
CA VAL C 105 10.24 -0.38 -18.36
C VAL C 105 11.55 0.34 -18.05
N ASP C 106 11.94 0.37 -16.79
CA ASP C 106 13.26 0.89 -16.43
C ASP C 106 13.87 0.07 -15.32
N ASP C 107 15.17 0.19 -15.12
CA ASP C 107 15.83 -0.54 -14.03
C ASP C 107 15.55 0.00 -12.61
N VAL C 108 15.58 1.31 -12.39
CA VAL C 108 15.41 1.85 -11.07
C VAL C 108 14.52 3.08 -11.08
N LEU C 109 13.56 3.12 -10.16
CA LEU C 109 12.76 4.30 -10.01
C LEU C 109 13.31 5.05 -8.82
N PHE C 110 13.66 6.31 -9.02
CA PHE C 110 14.25 7.15 -7.99
C PHE C 110 13.36 8.40 -7.84
N THR C 111 13.78 9.55 -8.36
CA THR C 111 12.94 10.76 -8.29
C THR C 111 11.71 10.68 -9.17
N GLY C 112 11.78 9.89 -10.22
CA GLY C 112 10.70 9.79 -11.15
C GLY C 112 10.82 10.70 -12.35
N ARG C 113 11.87 11.51 -12.39
CA ARG C 113 12.03 12.48 -13.46
C ARG C 113 12.32 11.78 -14.81
N THR C 114 13.07 10.69 -14.82
CA THR C 114 13.34 9.97 -16.05
C THR C 114 12.09 9.32 -16.61
N VAL C 115 11.26 8.76 -15.74
CA VAL C 115 10.02 8.16 -16.19
C VAL C 115 9.05 9.21 -16.75
N ARG C 116 9.07 10.42 -16.22
CA ARG C 116 8.24 11.46 -16.71
C ARG C 116 8.67 11.90 -18.12
N ALA C 117 9.95 11.97 -18.41
CA ALA C 117 10.40 12.27 -19.76
C ALA C 117 10.01 11.16 -20.73
N GLY C 118 10.12 9.90 -20.31
CA GLY C 118 9.71 8.79 -21.14
C GLY C 118 8.21 8.77 -21.42
N MET C 119 7.41 9.13 -20.42
CA MET C 119 6.00 9.21 -20.55
C MET C 119 5.69 10.32 -21.55
N ASP C 120 6.41 11.40 -21.47
CA ASP C 120 6.23 12.53 -22.38
C ASP C 120 6.58 12.18 -23.81
N ALA C 121 7.60 11.35 -24.01
CA ALA C 121 7.95 10.88 -25.34
C ALA C 121 6.89 9.99 -25.98
N VAL C 122 6.29 9.11 -25.19
CA VAL C 122 5.24 8.24 -25.68
C VAL C 122 4.03 9.07 -26.06
N MET C 123 3.77 10.14 -25.31
CA MET C 123 2.63 11.01 -25.57
C MET C 123 2.78 11.84 -26.85
N ASP C 124 4.00 12.18 -27.24
CA ASP C 124 4.29 12.80 -28.54
C ASP C 124 4.08 11.89 -29.71
N LEU C 125 4.35 10.60 -29.53
CA LEU C 125 4.19 9.62 -30.59
C LEU C 125 2.77 9.28 -30.89
N GLY C 126 1.89 9.41 -29.91
CA GLY C 126 0.55 8.91 -30.10
C GLY C 126 -0.33 9.13 -28.91
N ARG C 127 -1.51 8.53 -28.94
CA ARG C 127 -2.45 8.67 -27.85
C ARG C 127 -2.77 7.31 -27.27
N PRO C 128 -1.96 6.81 -26.32
CA PRO C 128 -2.26 5.50 -25.85
C PRO C 128 -3.50 5.40 -24.98
N ALA C 129 -4.06 4.22 -24.92
CA ALA C 129 -5.18 3.98 -24.02
C ALA C 129 -4.73 4.13 -22.58
N ARG C 130 -3.51 3.66 -22.31
CA ARG C 130 -2.97 3.54 -20.98
C ARG C 130 -1.46 3.58 -21.03
N ILE C 131 -0.84 4.20 -20.04
CA ILE C 131 0.58 4.00 -19.81
C ILE C 131 0.84 3.42 -18.41
N GLN C 132 1.53 2.30 -18.35
CA GLN C 132 1.87 1.67 -17.11
C GLN C 132 3.39 1.62 -16.97
N LEU C 133 3.88 1.32 -15.77
CA LEU C 133 5.33 1.33 -15.48
C LEU C 133 5.78 0.08 -14.77
N ALA C 134 6.83 -0.56 -15.26
CA ALA C 134 7.44 -1.67 -14.56
C ALA C 134 8.92 -1.35 -14.32
N VAL C 135 9.38 -1.51 -13.08
CA VAL C 135 10.76 -1.26 -12.74
C VAL C 135 11.28 -2.38 -11.91
N LEU C 136 12.56 -2.65 -12.02
CA LEU C 136 13.13 -3.75 -11.25
C LEU C 136 13.32 -3.32 -9.78
N VAL C 137 13.67 -2.06 -9.54
CA VAL C 137 13.88 -1.62 -8.22
C VAL C 137 13.21 -0.27 -8.03
N ASP C 138 12.50 -0.11 -6.91
CA ASP C 138 11.99 1.19 -6.53
C ASP C 138 12.71 1.55 -5.25
N ARG C 139 13.46 2.64 -5.28
CA ARG C 139 14.31 2.99 -4.18
C ARG C 139 13.81 4.17 -3.38
N GLY C 140 12.60 4.63 -3.64
CA GLY C 140 12.06 5.79 -2.95
C GLY C 140 12.63 7.12 -3.41
N HIS C 141 12.33 8.15 -2.65
CA HIS C 141 12.73 9.55 -2.90
C HIS C 141 12.10 10.13 -4.12
N ARG C 142 10.82 9.87 -4.29
CA ARG C 142 10.07 10.45 -5.38
C ARG C 142 10.02 11.95 -5.30
N GLU C 143 10.19 12.61 -6.44
CA GLU C 143 10.11 14.08 -6.47
C GLU C 143 8.98 14.53 -7.35
N LEU C 144 8.27 13.58 -7.96
CA LEU C 144 7.11 13.87 -8.79
C LEU C 144 6.09 12.85 -8.37
N PRO C 145 4.81 13.07 -8.65
CA PRO C 145 3.81 12.10 -8.18
C PRO C 145 3.64 10.86 -9.06
N ILE C 146 4.67 10.04 -9.08
CA ILE C 146 4.72 8.96 -10.01
C ILE C 146 4.89 7.66 -9.26
N ARG C 147 4.24 6.59 -9.71
CA ARG C 147 4.47 5.29 -9.09
C ARG C 147 4.52 4.20 -10.11
N ALA C 148 5.11 3.08 -9.73
CA ALA C 148 5.20 1.95 -10.58
C ALA C 148 4.04 1.03 -10.40
N ASP C 149 3.53 0.50 -11.49
CA ASP C 149 2.55 -0.55 -11.44
C ASP C 149 3.13 -1.92 -11.06
N PHE C 150 4.35 -2.23 -11.51
CA PHE C 150 4.96 -3.50 -11.24
C PHE C 150 6.33 -3.21 -10.72
N VAL C 151 6.69 -3.84 -9.62
CA VAL C 151 7.94 -3.52 -8.96
C VAL C 151 8.62 -4.84 -8.60
N GLY C 152 9.88 -5.00 -8.97
CA GLY C 152 10.59 -6.19 -8.59
C GLY C 152 10.94 -6.23 -7.13
N LYS C 153 11.54 -5.17 -6.59
CA LYS C 153 11.84 -5.11 -5.17
C LYS C 153 11.84 -3.67 -4.69
N ASN C 154 11.23 -3.39 -3.54
CA ASN C 154 11.34 -2.09 -2.90
C ASN C 154 12.59 -2.09 -2.05
N VAL C 155 13.50 -1.16 -2.33
CA VAL C 155 14.75 -1.17 -1.62
C VAL C 155 14.94 0.14 -0.93
N PRO C 156 14.84 0.17 0.43
CA PRO C 156 14.98 1.52 1.02
C PRO C 156 16.40 2.02 0.91
N THR C 157 16.57 3.32 0.77
CA THR C 157 17.89 3.88 0.62
C THR C 157 17.90 5.24 1.23
N SER C 158 19.09 5.73 1.51
CA SER C 158 19.25 7.12 1.89
C SER C 158 19.60 7.87 0.62
N ARG C 159 19.56 9.18 0.68
CA ARG C 159 19.78 9.97 -0.49
C ARG C 159 21.16 9.70 -1.05
N SER C 160 22.13 9.54 -0.19
CA SER C 160 23.51 9.48 -0.62
C SER C 160 23.88 8.13 -1.20
N GLU C 161 23.03 7.12 -1.05
CA GLU C 161 23.35 5.81 -1.62
C GLU C 161 23.02 5.78 -3.10
N LEU C 162 23.51 4.75 -3.78
CA LEU C 162 23.28 4.59 -5.19
C LEU C 162 22.91 3.13 -5.44
N ILE C 163 21.99 2.91 -6.37
CA ILE C 163 21.61 1.55 -6.75
C ILE C 163 22.17 1.25 -8.13
N VAL C 164 22.83 0.12 -8.28
CA VAL C 164 23.50 -0.19 -9.53
C VAL C 164 22.98 -1.52 -9.99
N VAL C 165 22.46 -1.58 -11.19
CA VAL C 165 21.92 -2.80 -11.69
C VAL C 165 22.86 -3.29 -12.77
N GLU C 166 23.28 -4.54 -12.68
CA GLU C 166 24.16 -5.11 -13.65
C GLU C 166 23.40 -6.17 -14.33
N LEU C 167 23.46 -6.17 -15.65
CA LEU C 167 22.74 -7.15 -16.46
C LEU C 167 23.71 -7.81 -17.44
N ASP C 168 23.38 -9.06 -17.76
CA ASP C 168 24.24 -10.00 -18.51
C ASP C 168 24.71 -9.40 -19.79
N GLU C 169 23.74 -8.76 -20.43
CA GLU C 169 23.93 -8.29 -21.76
C GLU C 169 25.07 -7.34 -21.84
N VAL C 170 25.30 -6.53 -20.81
CA VAL C 170 26.39 -5.56 -20.88
C VAL C 170 27.43 -5.64 -19.78
N ASP C 171 27.10 -6.27 -18.66
CA ASP C 171 28.10 -6.42 -17.60
C ASP C 171 28.52 -7.88 -17.43
N GLN C 172 27.76 -8.80 -18.02
CA GLN C 172 28.10 -10.20 -17.92
C GLN C 172 28.04 -10.78 -16.50
N ASN C 173 27.22 -10.19 -15.66
CA ASN C 173 26.78 -10.79 -14.39
C ASN C 173 25.45 -10.13 -14.11
N ASP C 174 24.48 -10.86 -13.64
CA ASP C 174 23.21 -10.24 -13.26
C ASP C 174 23.28 -9.93 -11.79
N GLN C 175 23.15 -8.68 -11.38
CA GLN C 175 23.25 -8.38 -9.98
C GLN C 175 22.71 -7.00 -9.65
N VAL C 176 22.11 -6.83 -8.47
CA VAL C 176 21.76 -5.50 -7.97
C VAL C 176 22.45 -5.23 -6.64
N SER C 177 23.05 -4.05 -6.52
CA SER C 177 23.85 -3.73 -5.37
C SER C 177 23.66 -2.29 -4.92
N ILE C 178 24.02 -2.02 -3.67
CA ILE C 178 23.96 -0.66 -3.13
C ILE C 178 25.35 -0.12 -2.91
N HIS C 179 25.57 1.13 -3.26
CA HIS C 179 26.85 1.76 -3.10
C HIS C 179 26.53 3.02 -2.38
N GLU C 180 27.54 3.60 -1.75
CA GLU C 180 27.44 4.99 -1.32
C GLU C 180 28.37 5.84 -2.14
N ASN C 181 27.82 6.87 -2.80
CA ASN C 181 28.58 7.83 -3.62
C ASN C 181 28.59 7.49 -5.09
N LYS D 5 -28.10 7.54 -7.63
CA LYS D 5 -27.27 8.40 -6.74
C LYS D 5 -27.12 7.85 -5.30
N ALA D 6 -25.93 8.03 -4.72
CA ALA D 6 -25.78 7.78 -3.30
C ALA D 6 -24.70 8.68 -2.67
N VAL D 7 -24.86 9.01 -1.38
CA VAL D 7 -23.91 9.86 -0.68
C VAL D 7 -22.83 9.01 -0.07
N ILE D 8 -21.57 9.32 -0.33
CA ILE D 8 -20.48 8.49 0.19
C ILE D 8 -19.61 9.25 1.20
N MET D 9 -19.62 10.57 1.20
CA MET D 9 -19.02 11.35 2.29
C MET D 9 -19.93 12.52 2.60
N ASP D 10 -20.06 12.87 3.88
CA ASP D 10 -20.89 14.01 4.26
C ASP D 10 -20.00 15.09 4.81
N GLU D 11 -20.61 16.19 5.24
CA GLU D 11 -19.81 17.36 5.54
C GLU D 11 -18.75 17.04 6.56
N GLN D 12 -19.13 16.23 7.54
CA GLN D 12 -18.27 15.83 8.64
C GLN D 12 -17.11 14.94 8.17
N ALA D 13 -17.41 13.98 7.31
CA ALA D 13 -16.39 13.13 6.79
C ALA D 13 -15.39 13.99 6.00
N ILE D 14 -15.91 14.94 5.22
CA ILE D 14 -15.05 15.79 4.46
C ILE D 14 -14.21 16.66 5.35
N ARG D 15 -14.82 17.21 6.40
CA ARG D 15 -14.08 18.11 7.28
C ARG D 15 -12.98 17.33 7.92
N ARG D 16 -13.33 16.10 8.26
CA ARG D 16 -12.39 15.22 8.92
C ARG D 16 -11.25 14.75 8.03
N ALA D 17 -11.53 14.46 6.78
CA ALA D 17 -10.48 14.07 5.87
C ALA D 17 -9.54 15.19 5.58
N LEU D 18 -10.07 16.40 5.43
CA LEU D 18 -9.19 17.56 5.16
C LEU D 18 -8.30 17.92 6.32
N THR D 19 -8.80 17.78 7.52
CA THR D 19 -8.02 18.05 8.71
C THR D 19 -6.88 17.06 8.87
N ARG D 20 -7.12 15.79 8.57
CA ARG D 20 -6.06 14.77 8.64
C ARG D 20 -5.00 14.96 7.54
N ILE D 21 -5.43 15.33 6.33
CA ILE D 21 -4.52 15.61 5.23
C ILE D 21 -3.56 16.73 5.57
N ALA D 22 -4.07 17.77 6.22
CA ALA D 22 -3.26 18.90 6.65
C ALA D 22 -2.17 18.53 7.63
N HIS D 23 -2.53 17.68 8.57
CA HIS D 23 -1.54 17.19 9.50
C HIS D 23 -0.52 16.36 8.78
N GLU D 24 -1.00 15.58 7.82
CA GLU D 24 -0.07 14.71 7.09
C GLU D 24 0.92 15.52 6.28
N ILE D 25 0.46 16.62 5.68
CA ILE D 25 1.30 17.51 4.92
C ILE D 25 2.35 18.11 5.79
N ILE D 26 1.95 18.58 6.97
CA ILE D 26 2.91 19.16 7.89
C ILE D 26 3.88 18.12 8.38
N GLU D 27 3.38 16.93 8.67
CA GLU D 27 4.21 15.88 9.16
C GLU D 27 5.25 15.42 8.20
N ARG D 28 4.84 15.22 6.98
CA ARG D 28 5.71 14.70 5.95
C ARG D 28 6.74 15.75 5.49
N ASN D 29 6.44 17.02 5.64
CA ASN D 29 7.40 18.06 5.23
C ASN D 29 8.10 18.71 6.41
N LYS D 30 7.93 18.14 7.61
CA LYS D 30 8.62 18.60 8.78
C LYS D 30 8.32 20.05 9.03
N GLY D 31 7.06 20.41 8.94
CA GLY D 31 6.68 21.80 9.02
C GLY D 31 6.36 22.23 7.60
N ILE D 32 5.97 23.49 7.43
CA ILE D 32 5.59 23.99 6.12
C ILE D 32 6.61 24.88 5.46
N ASP D 33 7.84 24.85 5.94
CA ASP D 33 8.88 25.62 5.33
C ASP D 33 9.04 25.25 3.88
N GLY D 34 8.94 26.21 2.99
CA GLY D 34 9.17 25.95 1.59
C GLY D 34 8.00 25.33 0.83
N CYS D 35 6.80 25.26 1.41
CA CYS D 35 5.69 24.54 0.78
C CYS D 35 4.70 25.49 0.23
N VAL D 36 4.17 25.14 -0.93
CA VAL D 36 3.10 25.91 -1.49
C VAL D 36 2.04 24.97 -2.01
N LEU D 37 0.83 25.45 -2.10
CA LEU D 37 -0.28 24.65 -2.54
C LEU D 37 -0.71 25.19 -3.86
N VAL D 38 -0.90 24.33 -4.84
CA VAL D 38 -1.46 24.80 -6.09
C VAL D 38 -2.69 24.02 -6.42
N GLY D 39 -3.82 24.70 -6.48
CA GLY D 39 -5.09 24.03 -6.75
C GLY D 39 -5.39 23.92 -8.23
N ILE D 40 -6.14 22.88 -8.59
CA ILE D 40 -6.45 22.63 -9.96
C ILE D 40 -7.93 22.83 -10.18
N LYS D 41 -8.30 23.77 -11.08
CA LYS D 41 -9.72 23.98 -11.48
C LYS D 41 -10.46 24.57 -10.31
N THR D 42 -11.77 24.67 -10.38
CA THR D 42 -12.48 25.42 -9.36
C THR D 42 -12.47 24.71 -8.02
N ARG D 43 -12.82 23.43 -8.03
CA ARG D 43 -12.96 22.70 -6.77
C ARG D 43 -11.62 22.43 -6.12
N GLY D 44 -10.62 22.16 -6.93
CA GLY D 44 -9.29 22.01 -6.42
C GLY D 44 -8.77 23.24 -5.74
N ILE D 45 -9.10 24.41 -6.28
CA ILE D 45 -8.70 25.68 -5.71
C ILE D 45 -9.37 25.92 -4.38
N TYR D 46 -10.63 25.57 -4.30
CA TYR D 46 -11.31 25.65 -3.02
C TYR D 46 -10.75 24.72 -1.95
N LEU D 47 -10.39 23.49 -2.32
CA LEU D 47 -9.80 22.60 -1.35
C LEU D 47 -8.43 23.09 -0.93
N ALA D 48 -7.64 23.61 -1.85
CA ALA D 48 -6.31 24.05 -1.49
C ALA D 48 -6.38 25.18 -0.47
N ARG D 49 -7.37 26.04 -0.64
CA ARG D 49 -7.57 27.12 0.31
C ARG D 49 -7.92 26.59 1.67
N ARG D 50 -8.84 25.63 1.68
CA ARG D 50 -9.25 25.06 2.93
C ARG D 50 -8.05 24.44 3.59
N LEU D 51 -7.22 23.78 2.80
CA LEU D 51 -6.05 23.14 3.37
C LEU D 51 -5.10 24.14 3.91
N ALA D 52 -4.99 25.28 3.24
CA ALA D 52 -4.12 26.37 3.73
C ALA D 52 -4.61 27.01 5.03
N GLU D 53 -5.91 27.20 5.15
CA GLU D 53 -6.45 27.73 6.37
C GLU D 53 -6.07 26.86 7.56
N ARG D 54 -6.33 25.57 7.41
CA ARG D 54 -6.12 24.60 8.48
C ARG D 54 -4.68 24.52 8.89
N ILE D 55 -3.79 24.53 7.91
CA ILE D 55 -2.37 24.48 8.20
C ILE D 55 -1.92 25.73 8.93
N GLU D 56 -2.46 26.89 8.60
CA GLU D 56 -2.12 28.09 9.34
C GLU D 56 -2.61 27.98 10.80
N GLN D 57 -3.77 27.44 11.01
CA GLN D 57 -4.28 27.27 12.35
C GLN D 57 -3.31 26.39 13.13
N ILE D 58 -2.93 25.28 12.53
CA ILE D 58 -2.10 24.31 13.21
C ILE D 58 -0.69 24.81 13.49
N GLU D 59 -0.07 25.51 12.54
CA GLU D 59 1.32 25.87 12.66
C GLU D 59 1.56 27.34 12.90
N GLY D 60 0.53 28.18 12.74
CA GLY D 60 0.64 29.60 12.98
C GLY D 60 1.30 30.43 11.89
N ALA D 61 1.54 29.85 10.72
CA ALA D 61 2.15 30.59 9.60
C ALA D 61 1.37 30.31 8.32
N PRO D 62 1.36 31.27 7.35
CA PRO D 62 0.44 31.03 6.25
C PRO D 62 1.10 30.29 5.13
N VAL D 63 0.28 29.72 4.27
CA VAL D 63 0.80 28.94 3.16
C VAL D 63 0.37 29.57 1.87
N PRO D 64 1.32 29.82 0.94
CA PRO D 64 0.83 30.43 -0.29
C PRO D 64 -0.03 29.48 -1.10
N VAL D 65 -1.01 30.01 -1.81
CA VAL D 65 -1.88 29.23 -2.69
C VAL D 65 -1.88 29.76 -4.14
N GLY D 66 -1.83 28.84 -5.09
CA GLY D 66 -1.74 29.15 -6.52
C GLY D 66 -2.86 28.44 -7.25
N GLU D 67 -3.11 28.82 -8.50
CA GLU D 67 -4.27 28.33 -9.25
C GLU D 67 -3.81 27.84 -10.59
N ILE D 68 -4.40 26.76 -11.08
CA ILE D 68 -4.20 26.35 -12.46
C ILE D 68 -5.54 26.06 -13.06
N ASP D 69 -5.79 26.54 -14.26
CA ASP D 69 -7.08 26.37 -14.88
C ASP D 69 -6.99 25.33 -15.97
N ILE D 70 -7.84 24.31 -15.90
CA ILE D 70 -7.79 23.25 -16.89
C ILE D 70 -9.19 22.96 -17.41
N THR D 71 -9.27 22.46 -18.66
CA THR D 71 -10.56 22.22 -19.29
C THR D 71 -11.43 21.22 -18.55
N LEU D 72 -12.72 21.25 -18.80
CA LEU D 72 -13.68 20.50 -17.99
C LEU D 72 -13.76 19.02 -18.33
N TYR D 73 -13.88 18.22 -17.29
CA TYR D 73 -14.32 16.84 -17.45
C TYR D 73 -15.85 16.79 -17.60
N ARG D 74 -16.59 17.58 -16.85
CA ARG D 74 -18.03 17.44 -16.81
C ARG D 74 -18.86 18.74 -16.66
N ASP D 75 -20.17 18.61 -16.88
CA ASP D 75 -21.17 19.61 -16.49
C ASP D 75 -22.47 18.99 -15.97
N ASP D 82 -16.66 15.88 -25.65
CA ASP D 82 -16.32 14.77 -24.79
C ASP D 82 -15.58 13.73 -25.62
N ASP D 83 -14.42 14.15 -26.11
CA ASP D 83 -13.42 13.23 -26.66
C ASP D 83 -12.13 13.38 -25.85
N ASP D 84 -11.64 14.62 -25.75
CA ASP D 84 -10.76 15.04 -24.63
C ASP D 84 -9.28 14.72 -24.81
N GLU D 85 -8.49 15.66 -24.32
CA GLU D 85 -7.24 15.43 -23.63
C GLU D 85 -7.05 16.78 -22.98
N PRO D 86 -6.94 16.84 -21.65
CA PRO D 86 -7.11 18.14 -20.98
C PRO D 86 -5.96 19.12 -21.19
N LEU D 87 -6.30 20.42 -21.30
CA LEU D 87 -5.30 21.41 -21.60
C LEU D 87 -5.31 22.45 -20.53
N VAL D 88 -4.13 22.99 -20.25
CA VAL D 88 -4.00 24.11 -19.35
C VAL D 88 -4.42 25.38 -20.05
N LYS D 89 -5.50 25.96 -19.58
CA LYS D 89 -5.97 27.25 -20.04
C LYS D 89 -5.14 28.40 -19.53
N GLY D 90 -4.74 28.37 -18.27
CA GLY D 90 -4.02 29.50 -17.69
C GLY D 90 -3.44 29.17 -16.33
N THR D 91 -2.55 30.01 -15.82
CA THR D 91 -2.11 29.83 -14.45
C THR D 91 -2.12 31.12 -13.68
N ASN D 92 -2.30 31.01 -12.39
CA ASN D 92 -2.21 32.13 -11.51
C ASN D 92 -1.39 31.75 -10.29
N VAL D 93 -0.08 31.71 -10.44
CA VAL D 93 0.78 31.35 -9.34
C VAL D 93 1.66 32.56 -8.99
N PRO D 94 1.24 33.39 -8.02
CA PRO D 94 2.02 34.57 -7.84
C PRO D 94 3.15 34.43 -6.84
N PHE D 95 4.02 33.45 -7.03
CA PHE D 95 5.19 33.30 -6.17
C PHE D 95 6.14 32.39 -6.92
N PRO D 96 7.43 32.37 -6.56
CA PRO D 96 8.27 31.43 -7.28
C PRO D 96 7.97 29.98 -6.86
N VAL D 97 8.15 29.05 -7.79
CA VAL D 97 8.11 27.63 -7.45
C VAL D 97 9.47 26.93 -7.40
N THR D 98 10.55 27.58 -7.82
CA THR D 98 11.82 26.91 -7.88
C THR D 98 12.27 26.53 -6.49
N GLU D 99 12.71 25.28 -6.35
CA GLU D 99 13.21 24.77 -5.09
C GLU D 99 12.17 24.71 -3.99
N ARG D 100 10.93 24.68 -4.38
CA ARG D 100 9.87 24.61 -3.43
C ARG D 100 9.23 23.24 -3.50
N ASN D 101 8.49 22.94 -2.46
CA ASN D 101 7.77 21.73 -2.43
C ASN D 101 6.35 22.06 -2.80
N VAL D 102 5.95 21.70 -4.00
CA VAL D 102 4.64 22.12 -4.51
C VAL D 102 3.64 20.99 -4.37
N ILE D 103 2.53 21.26 -3.71
CA ILE D 103 1.50 20.26 -3.55
C ILE D 103 0.33 20.66 -4.41
N LEU D 104 0.10 19.89 -5.46
CA LEU D 104 -1.06 20.05 -6.27
C LEU D 104 -2.27 19.54 -5.51
N VAL D 105 -3.43 20.16 -5.72
CA VAL D 105 -4.66 19.76 -5.08
C VAL D 105 -5.81 19.65 -6.06
N ASP D 106 -6.53 18.54 -6.02
CA ASP D 106 -7.73 18.40 -6.85
C ASP D 106 -8.78 17.63 -6.06
N ASP D 107 -10.02 17.69 -6.49
CA ASP D 107 -11.06 16.95 -5.81
C ASP D 107 -11.07 15.43 -6.10
N VAL D 108 -10.88 15.00 -7.34
CA VAL D 108 -10.98 13.57 -7.66
C VAL D 108 -9.84 13.12 -8.58
N LEU D 109 -9.22 11.99 -8.27
CA LEU D 109 -8.23 11.41 -9.12
C LEU D 109 -8.89 10.27 -9.82
N PHE D 110 -8.89 10.31 -11.15
CA PHE D 110 -9.52 9.32 -11.97
C PHE D 110 -8.41 8.75 -12.86
N THR D 111 -8.35 9.12 -14.14
CA THR D 111 -7.29 8.63 -15.05
C THR D 111 -5.92 9.20 -14.73
N GLY D 112 -5.88 10.36 -14.10
CA GLY D 112 -4.64 11.02 -13.83
C GLY D 112 -4.22 12.01 -14.90
N ARG D 113 -5.01 12.14 -15.96
CA ARG D 113 -4.63 13.00 -17.09
C ARG D 113 -4.69 14.48 -16.76
N THR D 114 -5.65 14.90 -15.94
CA THR D 114 -5.68 16.25 -15.46
C THR D 114 -4.46 16.59 -14.60
N VAL D 115 -4.08 15.68 -13.72
CA VAL D 115 -2.97 15.96 -12.83
C VAL D 115 -1.71 16.09 -13.63
N ARG D 116 -1.59 15.31 -14.68
CA ARG D 116 -0.41 15.36 -15.48
C ARG D 116 -0.30 16.71 -16.17
N ALA D 117 -1.42 17.24 -16.63
CA ALA D 117 -1.37 18.55 -17.23
C ALA D 117 -1.00 19.61 -16.20
N GLY D 118 -1.49 19.47 -14.99
CA GLY D 118 -1.14 20.42 -13.93
C GLY D 118 0.32 20.34 -13.58
N MET D 119 0.87 19.14 -13.60
CA MET D 119 2.27 18.91 -13.30
C MET D 119 3.14 19.57 -14.37
N ASP D 120 2.70 19.49 -15.62
CA ASP D 120 3.44 20.09 -16.71
C ASP D 120 3.46 21.58 -16.61
N ALA D 121 2.34 22.16 -16.17
CA ALA D 121 2.23 23.58 -16.03
C ALA D 121 3.16 24.11 -14.98
N VAL D 122 3.32 23.40 -13.88
CA VAL D 122 4.23 23.79 -12.81
C VAL D 122 5.66 23.71 -13.26
N MET D 123 5.95 22.69 -14.06
CA MET D 123 7.28 22.50 -14.59
C MET D 123 7.66 23.52 -15.61
N ASP D 124 6.69 24.05 -16.35
CA ASP D 124 6.96 25.18 -17.21
C ASP D 124 7.28 26.44 -16.41
N LEU D 125 6.67 26.63 -15.26
CA LEU D 125 6.94 27.79 -14.40
C LEU D 125 8.27 27.78 -13.67
N GLY D 126 8.84 26.61 -13.39
CA GLY D 126 10.03 26.56 -12.56
C GLY D 126 10.55 25.15 -12.38
N ARG D 127 11.65 24.99 -11.64
CA ARG D 127 12.14 23.68 -11.26
C ARG D 127 11.91 23.50 -9.78
N PRO D 128 10.72 23.02 -9.41
CA PRO D 128 10.51 22.80 -7.99
C PRO D 128 11.40 21.70 -7.46
N ALA D 129 11.64 21.72 -6.15
CA ALA D 129 12.34 20.59 -5.51
C ALA D 129 11.53 19.29 -5.60
N ARG D 130 10.22 19.39 -5.38
CA ARG D 130 9.37 18.24 -5.23
C ARG D 130 8.01 18.66 -5.74
N ILE D 131 7.30 17.79 -6.45
CA ILE D 131 5.88 17.99 -6.63
C ILE D 131 5.12 16.85 -5.97
N GLN D 132 4.15 17.18 -5.11
CA GLN D 132 3.31 16.21 -4.47
C GLN D 132 1.84 16.42 -4.84
N LEU D 133 0.97 15.45 -4.54
CA LEU D 133 -0.44 15.53 -4.92
C LEU D 133 -1.34 15.22 -3.78
N ALA D 134 -2.34 16.06 -3.57
CA ALA D 134 -3.37 15.76 -2.60
C ALA D 134 -4.72 15.78 -3.25
N VAL D 135 -5.52 14.76 -3.04
CA VAL D 135 -6.87 14.73 -3.60
C VAL D 135 -7.84 14.31 -2.55
N LEU D 136 -9.08 14.76 -2.66
CA LEU D 136 -10.10 14.33 -1.74
C LEU D 136 -10.56 12.90 -2.01
N VAL D 137 -10.70 12.52 -3.27
CA VAL D 137 -11.17 11.19 -3.60
C VAL D 137 -10.27 10.59 -4.63
N ASP D 138 -9.87 9.35 -4.43
CA ASP D 138 -9.18 8.58 -5.42
C ASP D 138 -10.13 7.47 -5.81
N ARG D 139 -10.59 7.51 -7.05
CA ARG D 139 -11.60 6.57 -7.50
C ARG D 139 -11.08 5.45 -8.42
N GLY D 140 -9.75 5.37 -8.58
CA GLY D 140 -9.15 4.36 -9.45
C GLY D 140 -9.18 4.65 -10.95
N HIS D 141 -8.98 3.60 -11.72
CA HIS D 141 -8.95 3.61 -13.17
C HIS D 141 -7.86 4.48 -13.73
N ARG D 142 -6.70 4.40 -13.14
CA ARG D 142 -5.57 5.19 -13.58
C ARG D 142 -5.12 4.81 -14.97
N GLU D 143 -4.79 5.81 -15.79
CA GLU D 143 -4.33 5.59 -17.16
C GLU D 143 -2.93 6.11 -17.39
N LEU D 144 -2.34 6.67 -16.36
CA LEU D 144 -0.96 7.14 -16.41
C LEU D 144 -0.36 6.66 -15.10
N PRO D 145 0.99 6.51 -15.00
CA PRO D 145 1.48 6.05 -13.73
C PRO D 145 1.59 7.15 -12.68
N ILE D 146 0.45 7.57 -12.18
CA ILE D 146 0.37 8.68 -11.26
C ILE D 146 -0.30 8.27 -9.96
N ARG D 147 0.21 8.77 -8.83
CA ARG D 147 -0.49 8.53 -7.56
C ARG D 147 -0.53 9.77 -6.72
N ALA D 148 -1.49 9.77 -5.80
CA ALA D 148 -1.58 10.83 -4.84
C ALA D 148 -0.73 10.53 -3.63
N ASP D 149 -0.06 11.55 -3.11
CA ASP D 149 0.60 11.44 -1.81
C ASP D 149 -0.36 11.47 -0.64
N PHE D 150 -1.42 12.26 -0.75
CA PHE D 150 -2.42 12.39 0.31
C PHE D 150 -3.81 12.17 -0.29
N VAL D 151 -4.58 11.29 0.34
CA VAL D 151 -5.84 10.88 -0.20
C VAL D 151 -6.85 11.00 0.90
N GLY D 152 -7.97 11.66 0.67
CA GLY D 152 -9.08 11.65 1.62
C GLY D 152 -9.86 10.35 1.75
N LYS D 153 -10.32 9.78 0.64
CA LYS D 153 -10.95 8.51 0.69
C LYS D 153 -10.67 7.78 -0.59
N ASN D 154 -10.43 6.48 -0.49
CA ASN D 154 -10.35 5.65 -1.68
C ASN D 154 -11.73 5.15 -1.96
N VAL D 155 -12.26 5.45 -3.13
CA VAL D 155 -13.62 5.03 -3.42
C VAL D 155 -13.67 4.14 -4.64
N PRO D 156 -13.88 2.82 -4.46
CA PRO D 156 -13.92 2.04 -5.71
C PRO D 156 -15.11 2.35 -6.57
N THR D 157 -14.94 2.25 -7.85
CA THR D 157 -16.01 2.58 -8.77
C THR D 157 -15.91 1.68 -9.98
N SER D 158 -17.03 1.57 -10.69
CA SER D 158 -16.98 1.00 -12.03
C SER D 158 -16.76 2.16 -12.97
N ARG D 159 -16.36 1.85 -14.19
CA ARG D 159 -16.03 2.87 -15.16
C ARG D 159 -17.22 3.77 -15.45
N SER D 160 -18.40 3.19 -15.49
CA SER D 160 -19.57 3.92 -15.87
C SER D 160 -20.11 4.87 -14.79
N GLU D 161 -19.59 4.77 -13.55
CA GLU D 161 -20.05 5.64 -12.48
C GLU D 161 -19.37 6.96 -12.47
N LEU D 162 -19.93 7.93 -11.78
CA LEU D 162 -19.39 9.29 -11.73
C LEU D 162 -19.23 9.72 -10.29
N ILE D 163 -18.14 10.39 -9.95
CA ILE D 163 -18.00 10.95 -8.60
C ILE D 163 -18.24 12.45 -8.68
N VAL D 164 -19.12 12.97 -7.83
CA VAL D 164 -19.43 14.39 -7.84
C VAL D 164 -19.14 14.97 -6.49
N VAL D 165 -18.33 16.01 -6.45
CA VAL D 165 -17.99 16.63 -5.17
C VAL D 165 -18.67 17.99 -5.11
N GLU D 166 -19.44 18.20 -4.06
CA GLU D 166 -20.15 19.46 -3.88
C GLU D 166 -19.40 20.15 -2.79
N LEU D 167 -19.06 21.39 -3.01
CA LEU D 167 -18.35 22.16 -2.04
C LEU D 167 -19.19 23.41 -1.72
N ASP D 168 -19.06 23.81 -0.47
CA ASP D 168 -19.87 24.80 0.15
C ASP D 168 -19.77 26.14 -0.59
N GLU D 169 -18.57 26.43 -1.10
CA GLU D 169 -18.30 27.68 -1.76
C GLU D 169 -19.14 27.87 -3.00
N VAL D 170 -19.61 26.80 -3.62
CA VAL D 170 -20.49 26.97 -4.78
C VAL D 170 -21.83 26.21 -4.78
N ASP D 171 -21.95 25.10 -4.08
CA ASP D 171 -23.20 24.31 -4.11
C ASP D 171 -23.96 24.48 -2.80
N GLN D 172 -23.32 25.17 -1.86
CA GLN D 172 -23.93 25.51 -0.57
C GLN D 172 -24.27 24.24 0.27
N ASN D 173 -23.61 23.13 -0.05
CA ASN D 173 -23.55 21.97 0.86
C ASN D 173 -22.26 21.21 0.52
N ASP D 174 -21.61 20.67 1.54
CA ASP D 174 -20.40 19.89 1.33
C ASP D 174 -20.83 18.45 1.25
N GLN D 175 -20.60 17.77 0.14
CA GLN D 175 -21.03 16.40 0.02
C GLN D 175 -20.32 15.68 -1.12
N VAL D 176 -20.07 14.38 -0.99
CA VAL D 176 -19.55 13.58 -2.10
C VAL D 176 -20.50 12.43 -2.41
N SER D 177 -20.78 12.20 -3.69
CA SER D 177 -21.72 11.15 -4.05
C SER D 177 -21.37 10.46 -5.36
N ILE D 178 -22.00 9.32 -5.60
CA ILE D 178 -21.80 8.53 -6.79
C ILE D 178 -23.09 8.49 -7.64
N HIS D 179 -22.93 8.53 -8.96
CA HIS D 179 -24.07 8.47 -9.90
C HIS D 179 -23.90 7.31 -10.87
N GLU D 180 -24.95 6.57 -11.19
CA GLU D 180 -24.79 5.39 -12.08
C GLU D 180 -24.53 5.63 -13.57
N ASN D 181 -24.96 6.74 -14.18
CA ASN D 181 -24.65 6.93 -15.64
C ASN D 181 -25.10 5.70 -16.41
#